data_3ATH
#
_entry.id   3ATH
#
_cell.length_a   85.817
_cell.length_b   70.989
_cell.length_c   136.816
_cell.angle_alpha   90.00
_cell.angle_beta   89.9980
_cell.angle_gamma   90.00
#
_symmetry.space_group_name_H-M   'C 1 2 1'
#
loop_
_entity.id
_entity.type
_entity.pdbx_description
1 polymer 'Putative uncharacterized protein PH0207'
2 non-polymer "PYRIDOXAL-5'-PHOSPHATE"
3 non-polymer '2-OXOGLUTARIC ACID'
4 water water
#
_entity_poly.entity_id   1
_entity_poly.type   'polypeptide(L)'
_entity_poly.pdbx_seq_one_letter_code
;MGSSHHHHHHSSGLVPRGSHMHEDVQLNIYVHSQEGIGMEENIKSMLGDVERFFSKKALEMRASEVRELLKLVETSDIIS
LAGGLPNPKTFPKEIIRDILVEIMEKYADKALQYGTTKGFTPLRETLMKWLGKRYGISQDNDIMITSGSQQALDLIGRVF
LNPGDIVVVEAPTYLAALQAFNFYEPQYIQIPLDDEGMKVEILEEKLKELKSQGKKVKVVYTVPTFQNPAGVTMNEDRRK
YLLELASEYDFIVVEDDPYGELRYSGNPEKKIKALDNEGRVIYLGTFSKILAPGFRIGWMVGDPGIIRKMEIAKQSTDLC
TNVFGQVVAWRYVDGGYLEKHIPEIRKFYKPRRDAMLEALEEFMPEGVKWTKPEGGMFIWVTLPDGIDSKKMLERAIKKG
VAYVPGEAFYAHRDVKNTMRLNFTYVDEDKIMEGIKRLAETIKEELKA
;
_entity_poly.pdbx_strand_id   A,C
#
loop_
_chem_comp.id
_chem_comp.type
_chem_comp.name
_chem_comp.formula
AKG non-polymer '2-OXOGLUTARIC ACID' 'C5 H6 O5'
PLP non-polymer PYRIDOXAL-5'-PHOSPHATE 'C8 H10 N O6 P'
#
# COMPACT_ATOMS: atom_id res chain seq x y z
N SER A 45 11.26 -11.93 21.11
CA SER A 45 11.84 -10.54 20.84
C SER A 45 13.13 -10.23 21.64
N MET A 46 14.07 -9.52 21.01
CA MET A 46 15.33 -9.05 21.66
C MET A 46 15.04 -7.96 22.71
N LEU A 47 13.89 -7.30 22.60
CA LEU A 47 13.54 -6.19 23.48
C LEU A 47 12.74 -6.61 24.72
N GLY A 48 12.55 -7.90 24.88
CA GLY A 48 11.72 -8.47 25.97
C GLY A 48 10.23 -8.21 25.80
N ASP A 49 9.67 -7.37 26.67
CA ASP A 49 8.30 -6.99 26.57
C ASP A 49 8.14 -5.94 25.45
N VAL A 50 8.26 -6.33 24.18
CA VAL A 50 8.17 -5.37 23.06
C VAL A 50 6.78 -4.66 23.02
N GLU A 51 5.76 -5.32 23.59
CA GLU A 51 4.43 -4.78 23.66
C GLU A 51 4.39 -3.42 24.31
N ARG A 52 5.42 -3.08 25.11
CA ARG A 52 5.39 -1.79 25.78
C ARG A 52 5.44 -0.62 24.80
N PHE A 53 5.83 -0.93 23.54
CA PHE A 53 5.92 0.11 22.52
C PHE A 53 4.71 0.23 21.67
N PHE A 54 3.86 -0.79 21.69
CA PHE A 54 2.80 -0.87 20.65
C PHE A 54 1.61 0.02 20.93
N SER A 55 0.98 0.51 19.84
CA SER A 55 -0.22 1.31 19.95
C SER A 55 -1.41 0.43 20.39
N LYS A 56 -2.45 1.11 20.83
CA LYS A 56 -3.71 0.45 21.32
C LYS A 56 -4.20 -0.45 20.17
N LYS A 57 -4.17 0.00 18.93
CA LYS A 57 -4.65 -0.92 17.84
C LYS A 57 -3.75 -2.09 17.57
N ALA A 58 -2.45 -1.87 17.63
CA ALA A 58 -1.51 -2.93 17.45
C ALA A 58 -1.68 -3.97 18.55
N LEU A 59 -2.00 -3.54 19.79
CA LEU A 59 -2.16 -4.52 20.86
C LEU A 59 -3.36 -5.40 20.59
N GLU A 60 -4.35 -4.93 19.85
CA GLU A 60 -5.56 -5.75 19.52
C GLU A 60 -5.35 -6.67 18.31
N MET A 61 -4.38 -6.35 17.45
CA MET A 61 -4.10 -7.20 16.24
C MET A 61 -3.59 -8.57 16.62
N ARG A 62 -4.20 -9.61 16.04
CA ARG A 62 -3.66 -10.96 16.25
C ARG A 62 -3.65 -11.79 14.97
N ALA A 63 -2.90 -12.88 15.03
CA ALA A 63 -2.95 -13.98 14.07
C ALA A 63 -4.24 -14.76 14.29
N SER A 64 -4.84 -15.22 13.20
CA SER A 64 -5.96 -16.16 13.26
C SER A 64 -5.44 -17.61 13.35
N GLU A 65 -5.83 -18.37 14.38
CA GLU A 65 -5.42 -19.79 14.48
C GLU A 65 -5.88 -20.60 13.24
N VAL A 66 -7.13 -20.37 12.81
CA VAL A 66 -7.62 -21.00 11.56
C VAL A 66 -6.82 -20.58 10.28
N ARG A 67 -6.50 -19.29 10.11
CA ARG A 67 -5.74 -18.92 8.88
C ARG A 67 -4.36 -19.56 8.91
N GLU A 68 -3.77 -19.63 10.11
CA GLU A 68 -2.47 -20.28 10.32
C GLU A 68 -2.48 -21.78 9.98
N LEU A 69 -3.51 -22.46 10.47
CA LEU A 69 -3.70 -23.90 10.19
C LEU A 69 -3.88 -24.09 8.68
N LEU A 70 -4.74 -23.28 8.05
CA LEU A 70 -4.95 -23.36 6.61
C LEU A 70 -3.66 -23.09 5.77
N LYS A 71 -2.80 -22.20 6.24
CA LYS A 71 -1.50 -22.02 5.59
C LYS A 71 -0.70 -23.33 5.58
N LEU A 72 -0.68 -24.03 6.73
CA LEU A 72 0.00 -25.32 6.84
C LEU A 72 -0.65 -26.36 5.90
N VAL A 73 -2.00 -26.39 5.90
CA VAL A 73 -2.72 -27.26 4.96
C VAL A 73 -2.33 -27.05 3.49
N GLU A 74 -2.18 -25.82 3.05
CA GLU A 74 -2.03 -25.61 1.62
C GLU A 74 -0.75 -26.28 1.11
N THR A 75 0.30 -26.25 1.92
CA THR A 75 1.59 -26.82 1.53
C THR A 75 1.72 -28.35 1.73
N SER A 76 0.66 -29.00 2.21
CA SER A 76 0.68 -30.46 2.43
C SER A 76 -0.18 -31.21 1.40
N ASP A 77 -0.40 -32.51 1.59
CA ASP A 77 -1.08 -33.33 0.56
C ASP A 77 -2.60 -33.50 0.71
N ILE A 78 -3.18 -32.76 1.65
CA ILE A 78 -4.65 -32.63 1.79
C ILE A 78 -5.29 -32.02 0.54
N ILE A 79 -6.51 -32.42 0.21
CA ILE A 79 -7.22 -31.72 -0.88
C ILE A 79 -7.88 -30.47 -0.29
N SER A 80 -7.32 -29.27 -0.56
CA SER A 80 -7.88 -28.08 0.06
C SER A 80 -8.92 -27.39 -0.86
N LEU A 81 -10.13 -27.22 -0.31
CA LEU A 81 -11.20 -26.38 -0.88
C LEU A 81 -11.24 -25.04 -0.13
N ALA A 82 -10.17 -24.75 0.61
CA ALA A 82 -10.11 -23.52 1.44
C ALA A 82 -9.50 -22.34 0.76
N GLY A 83 -8.95 -22.52 -0.44
CA GLY A 83 -8.21 -21.40 -1.05
C GLY A 83 -9.04 -20.23 -1.54
N GLY A 84 -8.39 -19.10 -1.66
CA GLY A 84 -9.03 -17.93 -2.23
C GLY A 84 -8.27 -17.37 -3.42
N LEU A 85 -7.52 -18.22 -4.11
CA LEU A 85 -6.67 -17.78 -5.20
C LEU A 85 -7.25 -18.11 -6.59
N PRO A 86 -6.97 -17.25 -7.55
CA PRO A 86 -7.27 -17.59 -8.95
C PRO A 86 -6.21 -18.66 -9.38
N ASN A 87 -6.56 -19.45 -10.40
CA ASN A 87 -5.63 -20.52 -10.94
C ASN A 87 -4.63 -19.91 -11.93
N PRO A 88 -3.36 -20.11 -11.71
CA PRO A 88 -2.32 -19.56 -12.64
C PRO A 88 -2.50 -20.01 -14.06
N LYS A 89 -3.24 -21.10 -14.29
CA LYS A 89 -3.58 -21.44 -15.69
C LYS A 89 -4.38 -20.43 -16.42
N THR A 90 -5.07 -19.57 -15.68
CA THR A 90 -5.79 -18.46 -16.26
C THR A 90 -4.98 -17.19 -16.48
N PHE A 91 -3.73 -17.11 -15.97
CA PHE A 91 -2.93 -15.88 -16.18
C PHE A 91 -2.50 -15.88 -17.68
N PRO A 92 -2.76 -14.79 -18.41
CA PRO A 92 -2.50 -14.68 -19.85
C PRO A 92 -0.97 -14.44 -20.07
N LYS A 93 -0.19 -15.46 -19.88
CA LYS A 93 1.28 -15.25 -19.80
C LYS A 93 1.91 -14.84 -21.16
N GLU A 94 1.41 -15.38 -22.25
CA GLU A 94 1.88 -14.88 -23.58
C GLU A 94 1.60 -13.43 -23.79
N ILE A 95 0.39 -13.01 -23.44
CA ILE A 95 0.01 -11.59 -23.60
C ILE A 95 0.86 -10.75 -22.67
N ILE A 96 1.13 -11.27 -21.48
CA ILE A 96 1.95 -10.51 -20.52
C ILE A 96 3.40 -10.39 -21.04
N ARG A 97 3.91 -11.48 -21.61
CA ARG A 97 5.29 -11.40 -22.15
C ARG A 97 5.34 -10.32 -23.26
N ASP A 98 4.34 -10.31 -24.16
CA ASP A 98 4.35 -9.37 -25.30
C ASP A 98 4.26 -7.93 -24.74
N ILE A 99 3.46 -7.76 -23.66
CA ILE A 99 3.29 -6.42 -23.14
C ILE A 99 4.62 -5.96 -22.49
N LEU A 100 5.30 -6.87 -21.80
CA LEU A 100 6.57 -6.51 -21.18
C LEU A 100 7.64 -6.07 -22.18
N VAL A 101 7.76 -6.83 -23.27
CA VAL A 101 8.56 -6.38 -24.39
C VAL A 101 8.17 -5.00 -24.86
N GLU A 102 6.88 -4.76 -25.09
CA GLU A 102 6.43 -3.45 -25.54
C GLU A 102 6.79 -2.36 -24.54
N ILE A 103 6.60 -2.61 -23.23
CA ILE A 103 6.97 -1.57 -22.28
C ILE A 103 8.44 -1.24 -22.31
N MET A 104 9.32 -2.23 -22.41
CA MET A 104 10.75 -1.90 -22.42
C MET A 104 11.15 -1.20 -23.73
N GLU A 105 10.37 -1.43 -24.80
CA GLU A 105 10.64 -0.76 -26.10
C GLU A 105 10.17 0.68 -26.12
N LYS A 106 8.98 0.96 -25.57
CA LYS A 106 8.30 2.22 -25.83
C LYS A 106 7.97 3.01 -24.60
N TYR A 107 7.82 2.35 -23.46
CA TYR A 107 7.27 3.08 -22.26
C TYR A 107 8.18 3.00 -21.01
N ALA A 108 9.46 2.68 -21.17
CA ALA A 108 10.29 2.24 -20.03
C ALA A 108 10.42 3.30 -18.99
N ASP A 109 10.73 4.54 -19.40
CA ASP A 109 10.89 5.57 -18.36
C ASP A 109 9.57 5.85 -17.58
N LYS A 110 8.42 5.79 -18.26
CA LYS A 110 7.15 5.97 -17.57
C LYS A 110 6.91 4.79 -16.58
N ALA A 111 7.15 3.54 -17.00
CA ALA A 111 6.84 2.40 -16.19
C ALA A 111 7.77 2.34 -15.01
N LEU A 112 8.95 2.97 -15.13
CA LEU A 112 9.97 2.75 -14.08
C LEU A 112 10.12 3.90 -13.14
N GLN A 113 9.57 5.04 -13.47
CA GLN A 113 9.65 6.19 -12.62
C GLN A 113 8.54 6.23 -11.53
N TYR A 114 8.72 7.05 -10.50
CA TYR A 114 7.57 7.42 -9.63
C TYR A 114 6.36 7.82 -10.52
N GLY A 115 5.16 7.50 -10.03
CA GLY A 115 3.86 7.94 -10.61
C GLY A 115 3.15 8.96 -9.67
N THR A 116 2.09 9.60 -10.21
CA THR A 116 1.26 10.39 -9.32
C THR A 116 0.46 9.51 -8.41
N THR A 117 0.07 10.08 -7.26
CA THR A 117 -0.77 9.33 -6.34
C THR A 117 -2.08 8.83 -6.98
N LYS A 118 -2.68 9.68 -7.82
CA LYS A 118 -3.94 9.36 -8.44
C LYS A 118 -3.89 8.21 -9.43
N GLY A 119 -2.73 8.04 -10.06
CA GLY A 119 -2.58 6.88 -10.97
C GLY A 119 -2.07 7.34 -12.32
N PHE A 120 -1.67 6.35 -13.11
CA PHE A 120 -1.12 6.52 -14.44
C PHE A 120 -2.25 6.95 -15.33
N THR A 121 -2.10 8.16 -15.87
CA THR A 121 -3.30 8.74 -16.60
C THR A 121 -3.89 7.88 -17.71
N PRO A 122 -3.08 7.28 -18.57
CA PRO A 122 -3.67 6.44 -19.58
C PRO A 122 -4.43 5.21 -19.05
N LEU A 123 -3.95 4.56 -17.95
CA LEU A 123 -4.78 3.56 -17.33
C LEU A 123 -6.12 4.11 -16.82
N ARG A 124 -6.10 5.29 -16.18
CA ARG A 124 -7.31 5.87 -15.62
C ARG A 124 -8.28 6.15 -16.77
N GLU A 125 -7.72 6.60 -17.90
CA GLU A 125 -8.60 6.89 -19.08
C GLU A 125 -9.19 5.65 -19.70
N THR A 126 -8.37 4.62 -19.92
CA THR A 126 -8.85 3.41 -20.52
C THR A 126 -9.82 2.70 -19.63
N LEU A 127 -9.57 2.74 -18.31
CA LEU A 127 -10.59 2.17 -17.41
C LEU A 127 -11.96 2.86 -17.48
N MET A 128 -11.96 4.19 -17.45
CA MET A 128 -13.27 4.87 -17.48
C MET A 128 -13.97 4.57 -18.82
N LYS A 129 -13.22 4.47 -19.91
CA LYS A 129 -13.85 4.20 -21.19
C LYS A 129 -14.43 2.76 -21.15
N TRP A 130 -13.70 1.83 -20.55
CA TRP A 130 -14.10 0.44 -20.51
C TRP A 130 -15.33 0.34 -19.67
N LEU A 131 -15.30 0.96 -18.50
CA LEU A 131 -16.42 0.92 -17.60
C LEU A 131 -17.67 1.60 -18.18
N GLY A 132 -17.48 2.69 -18.88
CA GLY A 132 -18.66 3.37 -19.49
C GLY A 132 -19.29 2.46 -20.56
N LYS A 133 -18.48 1.99 -21.49
CA LYS A 133 -19.00 1.18 -22.63
C LYS A 133 -19.50 -0.14 -22.16
N ARG A 134 -18.73 -0.82 -21.30
CA ARG A 134 -19.12 -2.16 -20.95
C ARG A 134 -20.25 -2.25 -19.89
N TYR A 135 -20.29 -1.31 -18.98
CA TYR A 135 -21.21 -1.41 -17.85
C TYR A 135 -22.18 -0.26 -17.74
N GLY A 136 -22.03 0.76 -18.58
CA GLY A 136 -22.86 1.96 -18.43
C GLY A 136 -22.55 2.84 -17.27
N ILE A 137 -21.35 2.74 -16.70
CA ILE A 137 -20.97 3.69 -15.61
C ILE A 137 -20.73 5.12 -16.12
N SER A 138 -21.31 6.07 -15.42
CA SER A 138 -21.26 7.52 -15.81
C SER A 138 -19.84 8.06 -15.85
N GLN A 139 -19.52 8.82 -16.91
CA GLN A 139 -18.21 9.46 -17.04
C GLN A 139 -18.08 10.69 -16.10
N ASP A 140 -19.14 11.07 -15.35
CA ASP A 140 -19.05 12.19 -14.36
C ASP A 140 -18.27 11.77 -13.09
N ASN A 141 -18.05 10.48 -12.96
CA ASN A 141 -17.25 9.98 -11.80
C ASN A 141 -15.79 10.26 -12.04
N ASP A 142 -15.02 10.26 -10.95
CA ASP A 142 -13.61 10.31 -11.05
C ASP A 142 -13.08 8.91 -10.70
N ILE A 143 -11.79 8.70 -10.94
CA ILE A 143 -11.14 7.39 -10.73
C ILE A 143 -9.73 7.56 -10.17
N MET A 144 -9.38 6.70 -9.21
CA MET A 144 -8.02 6.64 -8.64
C MET A 144 -7.60 5.17 -8.77
N ILE A 145 -6.30 4.91 -9.00
CA ILE A 145 -5.77 3.56 -9.03
C ILE A 145 -5.30 3.20 -7.63
N THR A 146 -5.53 1.95 -7.24
CA THR A 146 -5.22 1.54 -5.88
C THR A 146 -4.21 0.37 -6.00
N SER A 147 -3.55 0.12 -4.85
CA SER A 147 -2.59 -1.06 -4.74
C SER A 147 -3.37 -2.28 -4.36
N GLY A 148 -4.32 -2.64 -5.25
CA GLY A 148 -5.34 -3.66 -4.91
C GLY A 148 -6.56 -3.09 -4.27
N SER A 149 -7.72 -3.74 -4.47
CA SER A 149 -8.91 -3.37 -3.67
C SER A 149 -8.70 -3.49 -2.20
N GLN A 150 -7.77 -4.33 -1.70
CA GLN A 150 -7.51 -4.31 -0.28
C GLN A 150 -7.14 -2.85 0.12
N GLN A 151 -6.28 -2.18 -0.66
CA GLN A 151 -5.97 -0.82 -0.27
C GLN A 151 -7.21 0.12 -0.33
N ALA A 152 -8.06 -0.05 -1.36
CA ALA A 152 -9.28 0.75 -1.41
C ALA A 152 -10.05 0.61 -0.13
N LEU A 153 -10.19 -0.64 0.39
CA LEU A 153 -10.96 -0.87 1.62
C LEU A 153 -10.31 -0.13 2.81
N ASP A 154 -8.99 -0.21 2.96
CA ASP A 154 -8.33 0.51 4.03
C ASP A 154 -8.57 2.04 3.88
N LEU A 155 -8.48 2.54 2.65
CA LEU A 155 -8.63 4.00 2.42
C LEU A 155 -10.09 4.41 2.71
N ILE A 156 -11.06 3.54 2.37
CA ILE A 156 -12.49 3.81 2.75
C ILE A 156 -12.60 3.94 4.26
N GLY A 157 -11.94 3.04 5.01
CA GLY A 157 -11.92 3.08 6.48
C GLY A 157 -11.30 4.43 6.93
N ARG A 158 -10.15 4.81 6.37
CA ARG A 158 -9.48 6.05 6.79
C ARG A 158 -10.34 7.27 6.56
N VAL A 159 -10.92 7.33 5.37
CA VAL A 159 -11.51 8.59 4.90
C VAL A 159 -12.92 8.75 5.52
N PHE A 160 -13.64 7.65 5.77
CA PHE A 160 -15.02 7.75 6.27
C PHE A 160 -15.21 7.45 7.73
N LEU A 161 -14.39 6.57 8.32
CA LEU A 161 -14.81 6.07 9.60
C LEU A 161 -14.12 6.71 10.81
N ASN A 162 -14.94 7.30 11.66
CA ASN A 162 -14.58 7.62 13.05
C ASN A 162 -14.92 6.41 13.94
N PRO A 163 -14.35 6.29 15.15
CA PRO A 163 -14.69 5.13 15.98
C PRO A 163 -16.16 5.16 16.33
N GLY A 164 -16.79 4.00 16.25
CA GLY A 164 -18.22 3.89 16.46
C GLY A 164 -19.15 4.19 15.30
N ASP A 165 -18.64 4.67 14.16
CA ASP A 165 -19.52 4.92 13.03
C ASP A 165 -20.07 3.56 12.57
N ILE A 166 -21.28 3.58 12.00
CA ILE A 166 -21.93 2.29 11.74
C ILE A 166 -21.71 1.93 10.25
N VAL A 167 -21.18 0.72 10.05
CA VAL A 167 -21.00 0.11 8.69
C VAL A 167 -21.95 -1.07 8.63
N VAL A 168 -22.72 -1.10 7.53
CA VAL A 168 -23.59 -2.27 7.23
C VAL A 168 -22.74 -3.19 6.37
N VAL A 169 -22.77 -4.49 6.72
CA VAL A 169 -22.15 -5.46 5.80
C VAL A 169 -23.21 -6.54 5.59
N GLU A 170 -23.00 -7.32 4.55
CA GLU A 170 -23.78 -8.61 4.40
C GLU A 170 -23.34 -9.63 5.45
N ALA A 171 -24.18 -10.63 5.69
CA ALA A 171 -23.84 -11.73 6.58
C ALA A 171 -24.09 -13.01 5.77
N PRO A 172 -23.00 -13.67 5.30
CA PRO A 172 -21.57 -13.39 5.45
C PRO A 172 -21.13 -12.17 4.60
N THR A 173 -19.90 -11.74 4.82
CA THR A 173 -19.21 -10.77 3.96
C THR A 173 -17.72 -11.19 3.79
N TYR A 174 -16.99 -10.40 3.03
CA TYR A 174 -15.58 -10.65 2.68
C TYR A 174 -14.80 -10.38 3.95
N LEU A 175 -14.08 -11.40 4.41
CA LEU A 175 -13.36 -11.29 5.66
C LEU A 175 -12.30 -10.17 5.62
N ALA A 176 -11.60 -10.00 4.49
CA ALA A 176 -10.56 -8.94 4.50
C ALA A 176 -11.09 -7.55 4.55
N ALA A 177 -12.36 -7.34 4.14
CA ALA A 177 -12.97 -6.05 4.30
C ALA A 177 -13.21 -5.80 5.81
N LEU A 178 -13.68 -6.83 6.55
CA LEU A 178 -13.84 -6.61 7.99
C LEU A 178 -12.45 -6.25 8.61
N GLN A 179 -11.45 -6.91 8.12
CA GLN A 179 -10.05 -6.69 8.62
C GLN A 179 -9.59 -5.28 8.31
N ALA A 180 -9.89 -4.77 7.11
CA ALA A 180 -9.46 -3.40 6.75
C ALA A 180 -10.21 -2.44 7.68
N PHE A 181 -11.51 -2.70 7.83
CA PHE A 181 -12.32 -1.64 8.47
C PHE A 181 -12.11 -1.66 9.96
N ASN A 182 -11.72 -2.81 10.51
CA ASN A 182 -11.62 -2.96 11.96
C ASN A 182 -10.58 -2.05 12.62
N PHE A 183 -9.57 -1.68 11.86
CA PHE A 183 -8.53 -0.78 12.36
C PHE A 183 -9.22 0.57 12.81
N TYR A 184 -10.33 0.93 12.14
CA TYR A 184 -11.02 2.24 12.36
C TYR A 184 -12.18 2.10 13.39
N GLU A 185 -12.36 0.92 13.99
CA GLU A 185 -13.27 0.70 15.09
C GLU A 185 -14.76 1.04 14.77
N PRO A 186 -15.29 0.60 13.62
CA PRO A 186 -16.74 0.81 13.41
C PRO A 186 -17.54 -0.15 14.26
N GLN A 187 -18.82 0.13 14.33
CA GLN A 187 -19.84 -0.82 14.80
C GLN A 187 -20.48 -1.40 13.56
N TYR A 188 -20.71 -2.73 13.54
CA TYR A 188 -21.33 -3.31 12.35
C TYR A 188 -22.80 -3.69 12.51
N ILE A 189 -23.59 -3.50 11.44
CA ILE A 189 -24.94 -4.10 11.37
C ILE A 189 -24.79 -5.12 10.25
N GLN A 190 -25.13 -6.37 10.49
CA GLN A 190 -25.06 -7.37 9.44
C GLN A 190 -26.43 -7.70 8.91
N ILE A 191 -26.54 -7.82 7.60
CA ILE A 191 -27.85 -8.08 6.95
C ILE A 191 -27.71 -9.47 6.22
N PRO A 192 -28.56 -10.45 6.59
CA PRO A 192 -28.45 -11.73 5.88
C PRO A 192 -28.63 -11.66 4.36
N LEU A 193 -27.98 -12.65 3.74
CA LEU A 193 -28.27 -12.97 2.37
C LEU A 193 -29.26 -14.07 2.27
N ASP A 194 -29.83 -14.14 1.06
CA ASP A 194 -30.53 -15.39 0.63
C ASP A 194 -30.02 -15.64 -0.79
N ASP A 195 -30.73 -16.48 -1.57
CA ASP A 195 -30.17 -16.83 -2.90
C ASP A 195 -30.20 -15.72 -3.92
N GLU A 196 -30.82 -14.58 -3.56
CA GLU A 196 -30.72 -13.40 -4.38
C GLU A 196 -30.00 -12.23 -3.70
N GLY A 197 -29.03 -12.57 -2.85
CA GLY A 197 -28.12 -11.54 -2.35
C GLY A 197 -28.68 -10.95 -1.07
N MET A 198 -28.20 -9.73 -0.75
CA MET A 198 -28.59 -9.06 0.50
C MET A 198 -30.10 -8.95 0.65
N LYS A 199 -30.61 -9.26 1.83
CA LYS A 199 -32.07 -9.09 2.04
C LYS A 199 -32.33 -7.62 2.34
N VAL A 200 -32.45 -6.84 1.28
CA VAL A 200 -32.52 -5.36 1.40
C VAL A 200 -33.76 -4.94 2.27
N GLU A 201 -34.83 -5.76 2.24
CA GLU A 201 -35.96 -5.49 3.18
C GLU A 201 -35.56 -5.52 4.66
N ILE A 202 -34.66 -6.39 5.06
CA ILE A 202 -34.20 -6.46 6.43
C ILE A 202 -33.30 -5.23 6.69
N LEU A 203 -32.54 -4.83 5.66
CA LEU A 203 -31.79 -3.57 5.84
C LEU A 203 -32.78 -2.41 6.12
N GLU A 204 -33.86 -2.29 5.33
CA GLU A 204 -34.82 -1.16 5.63
C GLU A 204 -35.33 -1.27 7.08
N GLU A 205 -35.62 -2.50 7.52
CA GLU A 205 -36.09 -2.69 8.91
C GLU A 205 -35.07 -2.19 9.92
N LYS A 206 -33.81 -2.57 9.71
CA LYS A 206 -32.73 -2.16 10.65
C LYS A 206 -32.44 -0.67 10.56
N LEU A 207 -32.57 -0.04 9.41
CA LEU A 207 -32.40 1.42 9.21
C LEU A 207 -33.51 2.15 10.06
N LYS A 208 -34.74 1.64 10.01
CA LYS A 208 -35.86 2.26 10.75
C LYS A 208 -35.61 2.13 12.22
N GLU A 209 -35.14 0.95 12.65
CA GLU A 209 -34.84 0.70 14.09
C GLU A 209 -33.71 1.64 14.56
N LEU A 210 -32.66 1.83 13.74
CA LEU A 210 -31.52 2.71 14.14
C LEU A 210 -32.04 4.14 14.22
N LYS A 211 -32.84 4.55 13.25
CA LYS A 211 -33.42 5.91 13.21
C LYS A 211 -34.23 6.21 14.49
N SER A 212 -34.99 5.20 14.95
CA SER A 212 -35.75 5.31 16.21
C SER A 212 -34.87 5.43 17.47
N GLN A 213 -33.58 5.02 17.36
CA GLN A 213 -32.55 5.15 18.38
C GLN A 213 -31.73 6.41 18.20
N GLY A 214 -32.09 7.22 17.23
CA GLY A 214 -31.42 8.47 16.82
C GLY A 214 -30.05 8.21 16.17
N LYS A 215 -29.91 7.05 15.54
CA LYS A 215 -28.62 6.70 14.95
C LYS A 215 -28.72 6.50 13.43
N LYS A 216 -27.60 6.55 12.74
CA LYS A 216 -27.68 6.30 11.31
C LYS A 216 -26.44 5.53 10.86
N VAL A 217 -26.58 4.99 9.66
CA VAL A 217 -25.46 4.24 8.96
C VAL A 217 -24.65 5.22 8.15
N LYS A 218 -23.31 5.07 8.19
CA LYS A 218 -22.49 5.86 7.27
C LYS A 218 -22.20 5.16 5.91
N VAL A 219 -21.95 3.84 5.95
CA VAL A 219 -21.50 3.14 4.71
C VAL A 219 -22.19 1.82 4.71
N VAL A 220 -22.67 1.46 3.55
CA VAL A 220 -23.08 0.01 3.33
C VAL A 220 -22.03 -0.59 2.36
N TYR A 221 -21.38 -1.66 2.84
CA TYR A 221 -20.42 -2.39 2.03
C TYR A 221 -21.08 -3.63 1.47
N THR A 222 -21.06 -3.78 0.14
CA THR A 222 -21.68 -4.90 -0.52
C THR A 222 -20.73 -5.52 -1.57
N VAL A 223 -20.80 -6.85 -1.70
CA VAL A 223 -20.07 -7.63 -2.76
C VAL A 223 -21.23 -8.31 -3.49
N PRO A 224 -21.85 -7.56 -4.40
CA PRO A 224 -23.17 -7.98 -4.78
C PRO A 224 -23.16 -8.99 -5.94
N THR A 225 -22.00 -9.28 -6.56
CA THR A 225 -22.07 -10.25 -7.70
C THR A 225 -21.09 -11.40 -7.50
N PHE A 226 -21.56 -12.67 -7.41
CA PHE A 226 -20.73 -13.85 -7.16
C PHE A 226 -19.97 -13.65 -5.85
N GLN A 227 -20.71 -13.37 -4.78
CA GLN A 227 -20.04 -12.90 -3.57
C GLN A 227 -18.88 -13.82 -3.11
N ASN A 228 -17.82 -13.19 -2.62
CA ASN A 228 -16.93 -13.96 -1.71
C ASN A 228 -17.44 -13.61 -0.28
N PRO A 229 -17.98 -14.60 0.49
CA PRO A 229 -17.79 -16.03 0.24
C PRO A 229 -19.03 -16.75 -0.30
N ALA A 230 -20.19 -16.06 -0.39
CA ALA A 230 -21.48 -16.85 -0.53
C ALA A 230 -21.75 -17.28 -1.98
N GLY A 231 -21.21 -16.58 -2.95
CA GLY A 231 -21.39 -17.02 -4.35
C GLY A 231 -22.65 -16.45 -4.99
N VAL A 232 -23.54 -15.83 -4.21
CA VAL A 232 -24.85 -15.36 -4.74
C VAL A 232 -24.78 -13.93 -5.22
N THR A 233 -25.82 -13.53 -5.95
CA THR A 233 -25.80 -12.28 -6.63
C THR A 233 -27.10 -11.49 -6.26
N MET A 234 -26.94 -10.22 -5.85
CA MET A 234 -28.09 -9.31 -5.55
C MET A 234 -28.85 -9.07 -6.83
N ASN A 235 -30.16 -9.36 -6.76
CA ASN A 235 -30.98 -9.16 -7.95
C ASN A 235 -31.19 -7.67 -8.29
N GLU A 236 -31.70 -7.38 -9.50
CA GLU A 236 -31.79 -6.02 -9.95
C GLU A 236 -32.74 -5.14 -9.05
N ASP A 237 -33.88 -5.69 -8.68
CA ASP A 237 -34.82 -4.95 -7.80
C ASP A 237 -34.21 -4.51 -6.50
N ARG A 238 -33.37 -5.41 -5.94
CA ARG A 238 -32.67 -5.09 -4.68
C ARG A 238 -31.61 -4.02 -4.88
N ARG A 239 -30.96 -3.98 -6.02
CA ARG A 239 -29.96 -2.96 -6.30
C ARG A 239 -30.61 -1.58 -6.32
N LYS A 240 -31.75 -1.51 -6.97
CA LYS A 240 -32.44 -0.24 -7.03
C LYS A 240 -33.06 0.12 -5.69
N TYR A 241 -33.54 -0.87 -4.96
CA TYR A 241 -34.04 -0.68 -3.57
C TYR A 241 -32.91 -0.16 -2.64
N LEU A 242 -31.72 -0.76 -2.75
CA LEU A 242 -30.61 -0.29 -1.98
C LEU A 242 -30.29 1.21 -2.21
N LEU A 243 -30.36 1.63 -3.46
CA LEU A 243 -30.03 2.99 -3.78
C LEU A 243 -31.17 3.95 -3.30
N GLU A 244 -32.41 3.51 -3.37
CA GLU A 244 -33.49 4.37 -2.79
C GLU A 244 -33.22 4.56 -1.30
N LEU A 245 -32.80 3.48 -0.59
CA LEU A 245 -32.51 3.55 0.84
C LEU A 245 -31.32 4.48 1.06
N ALA A 246 -30.38 4.44 0.13
CA ALA A 246 -29.16 5.22 0.33
C ALA A 246 -29.47 6.72 0.31
N SER A 247 -30.45 7.06 -0.53
CA SER A 247 -30.97 8.42 -0.67
C SER A 247 -31.84 8.79 0.59
N GLU A 248 -32.74 7.91 0.96
CA GLU A 248 -33.67 8.24 2.00
C GLU A 248 -32.95 8.41 3.35
N TYR A 249 -31.93 7.57 3.58
CA TYR A 249 -31.22 7.50 4.86
C TYR A 249 -29.82 8.13 4.79
N ASP A 250 -29.46 8.65 3.63
CA ASP A 250 -28.21 9.39 3.42
C ASP A 250 -26.94 8.59 3.79
N PHE A 251 -26.67 7.50 3.09
CA PHE A 251 -25.41 6.78 3.33
C PHE A 251 -24.71 6.58 2.00
N ILE A 252 -23.45 6.18 2.10
CA ILE A 252 -22.62 5.82 0.92
C ILE A 252 -22.65 4.29 0.74
N VAL A 253 -22.61 3.87 -0.53
CA VAL A 253 -22.56 2.43 -0.86
C VAL A 253 -21.16 2.15 -1.46
N VAL A 254 -20.47 1.13 -0.93
CA VAL A 254 -19.22 0.64 -1.56
C VAL A 254 -19.62 -0.68 -2.24
N GLU A 255 -19.40 -0.73 -3.55
CA GLU A 255 -19.71 -1.90 -4.37
C GLU A 255 -18.35 -2.53 -4.72
N ASP A 256 -18.03 -3.70 -4.12
CA ASP A 256 -16.74 -4.33 -4.43
C ASP A 256 -17.04 -5.46 -5.45
N ASP A 257 -16.44 -5.31 -6.61
CA ASP A 257 -16.75 -6.18 -7.75
C ASP A 257 -15.50 -6.82 -8.41
N PRO A 258 -14.94 -7.82 -7.71
CA PRO A 258 -13.72 -8.48 -8.34
C PRO A 258 -14.11 -9.47 -9.41
N TYR A 259 -15.37 -9.93 -9.41
CA TYR A 259 -15.68 -11.18 -10.16
C TYR A 259 -16.68 -11.06 -11.32
N GLY A 260 -17.17 -9.84 -11.60
CA GLY A 260 -18.30 -9.71 -12.58
C GLY A 260 -18.00 -10.28 -13.96
N GLU A 261 -16.73 -10.28 -14.33
CA GLU A 261 -16.38 -10.89 -15.63
C GLU A 261 -16.23 -12.37 -15.57
N LEU A 262 -16.14 -12.97 -14.39
CA LEU A 262 -16.03 -14.41 -14.26
C LEU A 262 -17.43 -15.04 -14.22
N ARG A 263 -18.23 -14.77 -15.25
CA ARG A 263 -19.57 -15.26 -15.34
C ARG A 263 -19.65 -16.51 -16.18
N TYR A 264 -20.29 -17.58 -15.67
CA TYR A 264 -20.26 -18.86 -16.41
C TYR A 264 -21.62 -19.19 -16.94
N SER A 265 -22.65 -18.62 -16.36
CA SER A 265 -24.05 -18.88 -16.78
C SER A 265 -24.90 -17.69 -16.46
N GLY A 266 -26.10 -17.61 -17.04
CA GLY A 266 -26.97 -16.48 -16.77
C GLY A 266 -26.57 -15.26 -17.55
N ASN A 267 -27.31 -14.19 -17.31
CA ASN A 267 -27.10 -12.94 -18.06
C ASN A 267 -26.41 -11.90 -17.17
N PRO A 268 -25.59 -10.95 -17.76
CA PRO A 268 -24.93 -9.90 -16.93
C PRO A 268 -25.92 -9.07 -16.08
N GLU A 269 -25.55 -8.85 -14.81
CA GLU A 269 -26.21 -7.94 -13.92
C GLU A 269 -25.92 -6.52 -14.32
N LYS A 270 -26.71 -5.63 -13.76
CA LYS A 270 -26.40 -4.16 -13.87
C LYS A 270 -25.59 -3.82 -12.64
N LYS A 271 -24.45 -3.15 -12.83
CA LYS A 271 -23.65 -2.75 -11.63
C LYS A 271 -24.48 -1.76 -10.81
N ILE A 272 -24.37 -1.90 -9.50
CA ILE A 272 -25.05 -0.88 -8.63
C ILE A 272 -24.56 0.54 -9.09
N LYS A 273 -23.24 0.69 -9.42
CA LYS A 273 -22.66 1.98 -9.80
C LYS A 273 -23.28 2.50 -11.14
N ALA A 274 -23.71 1.58 -11.99
CA ALA A 274 -24.43 1.98 -13.23
C ALA A 274 -25.84 2.53 -12.95
N LEU A 275 -26.41 2.13 -11.83
CA LEU A 275 -27.78 2.62 -11.41
C LEU A 275 -27.70 3.90 -10.58
N ASP A 276 -26.46 4.34 -10.29
CA ASP A 276 -26.20 5.43 -9.32
C ASP A 276 -26.28 6.87 -9.87
N ASN A 277 -27.50 7.41 -9.85
CA ASN A 277 -27.78 8.76 -10.26
C ASN A 277 -27.27 9.84 -9.35
N GLU A 278 -27.03 9.54 -8.07
CA GLU A 278 -26.72 10.54 -7.03
C GLU A 278 -25.27 10.64 -6.68
N GLY A 279 -24.45 9.75 -7.25
CA GLY A 279 -23.03 9.71 -6.91
C GLY A 279 -22.74 9.11 -5.54
N ARG A 280 -23.65 8.28 -5.03
CA ARG A 280 -23.52 7.68 -3.74
C ARG A 280 -22.70 6.37 -3.70
N VAL A 281 -22.34 5.85 -4.86
CA VAL A 281 -21.68 4.54 -4.86
C VAL A 281 -20.20 4.74 -5.16
N ILE A 282 -19.35 4.02 -4.41
CA ILE A 282 -17.91 3.95 -4.76
C ILE A 282 -17.73 2.57 -5.29
N TYR A 283 -17.31 2.44 -6.55
CA TYR A 283 -17.15 1.13 -7.19
C TYR A 283 -15.68 0.72 -7.13
N LEU A 284 -15.42 -0.53 -6.70
CA LEU A 284 -14.02 -1.10 -6.59
C LEU A 284 -13.86 -2.18 -7.61
N GLY A 285 -12.87 -1.99 -8.47
CA GLY A 285 -12.47 -3.07 -9.37
C GLY A 285 -11.06 -3.48 -9.15
N THR A 286 -10.71 -4.69 -9.61
CA THR A 286 -9.33 -5.10 -9.40
C THR A 286 -8.87 -5.96 -10.55
N PHE A 287 -7.58 -5.97 -10.84
CA PHE A 287 -7.03 -6.85 -11.85
C PHE A 287 -6.70 -8.24 -11.29
N SER A 288 -6.97 -8.44 -10.04
CA SER A 288 -6.48 -9.70 -9.41
C SER A 288 -6.98 -11.01 -10.06
N LYS A 289 -8.27 -11.06 -10.46
CA LYS A 289 -8.83 -12.33 -11.02
C LYS A 289 -9.02 -12.27 -12.55
N ILE A 290 -8.81 -11.09 -13.14
CA ILE A 290 -8.98 -10.90 -14.56
C ILE A 290 -7.68 -10.71 -15.31
N LEU A 291 -6.59 -10.53 -14.58
CA LEU A 291 -5.22 -10.48 -15.16
C LEU A 291 -4.34 -11.41 -14.36
N ALA A 292 -3.90 -10.94 -13.16
CA ALA A 292 -3.15 -11.78 -12.28
C ALA A 292 -3.04 -10.91 -10.99
N PRO A 293 -2.97 -11.55 -9.83
CA PRO A 293 -2.95 -10.69 -8.59
C PRO A 293 -1.54 -10.11 -8.39
N GLY A 294 -0.52 -10.70 -9.03
CA GLY A 294 0.88 -10.23 -8.77
C GLY A 294 1.28 -8.80 -9.06
N PHE A 295 0.48 -8.13 -9.87
CA PHE A 295 0.73 -6.72 -10.16
C PHE A 295 0.17 -5.78 -9.08
N ARG A 296 -0.80 -6.25 -8.27
CA ARG A 296 -1.44 -5.48 -7.18
C ARG A 296 -1.96 -4.14 -7.70
N ILE A 297 -2.81 -4.24 -8.75
CA ILE A 297 -3.42 -3.04 -9.30
C ILE A 297 -4.94 -3.11 -9.15
N GLY A 298 -5.61 -2.04 -8.63
CA GLY A 298 -7.10 -2.02 -8.63
C GLY A 298 -7.52 -0.59 -8.94
N TRP A 299 -8.82 -0.33 -8.90
CA TRP A 299 -9.25 1.06 -9.15
C TRP A 299 -10.51 1.32 -8.30
N MET A 300 -10.76 2.63 -8.09
CA MET A 300 -11.91 3.11 -7.23
C MET A 300 -12.51 4.23 -8.08
N VAL A 301 -13.85 4.15 -8.29
CA VAL A 301 -14.53 5.08 -9.15
C VAL A 301 -15.64 5.66 -8.30
N GLY A 302 -15.75 6.98 -8.25
CA GLY A 302 -16.91 7.58 -7.54
C GLY A 302 -16.88 9.09 -7.65
N ASP A 303 -17.59 9.72 -6.74
CA ASP A 303 -17.79 11.16 -6.77
C ASP A 303 -16.42 11.85 -6.66
N PRO A 304 -16.18 12.89 -7.44
CA PRO A 304 -14.85 13.57 -7.41
C PRO A 304 -14.46 14.14 -6.10
N GLY A 305 -15.40 14.60 -5.27
CA GLY A 305 -15.02 15.03 -3.97
C GLY A 305 -14.51 13.93 -3.05
N ILE A 306 -15.11 12.76 -3.17
CA ILE A 306 -14.67 11.60 -2.39
C ILE A 306 -13.33 11.18 -2.91
N ILE A 307 -13.19 11.11 -4.24
CA ILE A 307 -11.90 10.64 -4.78
C ILE A 307 -10.77 11.56 -4.44
N ARG A 308 -10.99 12.87 -4.49
CA ARG A 308 -9.93 13.75 -4.01
C ARG A 308 -9.42 13.48 -2.61
N LYS A 309 -10.33 13.26 -1.66
CA LYS A 309 -9.91 12.94 -0.29
C LYS A 309 -9.12 11.62 -0.26
N MET A 310 -9.54 10.66 -1.08
CA MET A 310 -8.90 9.34 -1.09
C MET A 310 -7.45 9.48 -1.57
N GLU A 311 -7.26 10.36 -2.54
CA GLU A 311 -5.94 10.65 -3.14
C GLU A 311 -5.03 11.22 -2.10
N ILE A 312 -5.48 12.22 -1.36
CA ILE A 312 -4.68 12.73 -0.26
C ILE A 312 -4.31 11.66 0.80
N ALA A 313 -5.27 10.80 1.18
CA ALA A 313 -5.02 9.80 2.19
C ALA A 313 -3.99 8.79 1.68
N LYS A 314 -4.11 8.46 0.41
CA LYS A 314 -3.23 7.41 -0.19
C LYS A 314 -1.84 7.94 -0.28
N GLN A 315 -1.70 9.22 -0.58
CA GLN A 315 -0.34 9.79 -0.74
C GLN A 315 0.59 9.43 0.45
N SER A 316 0.07 9.49 1.67
CA SER A 316 0.93 9.22 2.84
C SER A 316 1.01 7.75 3.17
N THR A 317 0.09 6.92 2.67
CA THR A 317 0.14 5.48 2.97
C THR A 317 1.13 4.73 2.05
N ASP A 318 1.27 5.09 0.75
CA ASP A 318 2.16 4.39 -0.12
C ASP A 318 2.75 5.16 -1.32
N LEU A 319 2.46 6.45 -1.33
CA LEU A 319 2.96 7.39 -2.32
C LEU A 319 2.27 7.21 -3.67
N CYS A 320 2.50 6.05 -4.27
CA CYS A 320 1.78 5.71 -5.51
C CYS A 320 1.77 4.20 -5.68
N THR A 321 0.80 3.73 -6.46
CA THR A 321 0.69 2.34 -6.81
C THR A 321 1.79 2.02 -7.85
N ASN A 322 2.34 0.84 -7.74
CA ASN A 322 3.48 0.60 -8.65
C ASN A 322 3.23 0.84 -10.12
N VAL A 323 4.05 1.71 -10.68
CA VAL A 323 3.70 2.30 -11.96
C VAL A 323 3.98 1.23 -13.01
N PHE A 324 4.92 0.33 -12.73
CA PHE A 324 5.22 -0.67 -13.78
C PHE A 324 4.01 -1.53 -14.04
N GLY A 325 3.39 -2.02 -12.96
CA GLY A 325 2.12 -2.79 -13.08
C GLY A 325 0.97 -1.97 -13.69
N GLN A 326 0.91 -0.66 -13.42
CA GLN A 326 -0.13 0.18 -14.04
C GLN A 326 0.04 0.26 -15.55
N VAL A 327 1.27 0.28 -16.00
CA VAL A 327 1.52 0.30 -17.46
C VAL A 327 1.15 -1.00 -18.08
N VAL A 328 1.51 -2.11 -17.43
CA VAL A 328 1.13 -3.43 -17.91
C VAL A 328 -0.40 -3.45 -18.03
N ALA A 329 -1.12 -3.09 -16.98
CA ALA A 329 -2.58 -3.13 -16.98
C ALA A 329 -3.20 -2.23 -18.06
N TRP A 330 -2.55 -1.09 -18.28
CA TRP A 330 -3.03 -0.16 -19.30
C TRP A 330 -2.95 -0.84 -20.68
N ARG A 331 -1.79 -1.37 -21.04
CA ARG A 331 -1.67 -2.15 -22.33
C ARG A 331 -2.67 -3.27 -22.39
N TYR A 332 -2.83 -4.00 -21.27
CA TYR A 332 -3.78 -5.16 -21.23
C TYR A 332 -5.20 -4.71 -21.60
N VAL A 333 -5.66 -3.61 -21.04
CA VAL A 333 -6.98 -3.12 -21.36
C VAL A 333 -7.00 -2.42 -22.73
N ASP A 334 -6.13 -1.43 -22.92
CA ASP A 334 -6.22 -0.58 -24.13
C ASP A 334 -5.94 -1.39 -25.37
N GLY A 335 -5.11 -2.41 -25.20
CA GLY A 335 -4.68 -3.23 -26.39
C GLY A 335 -5.70 -4.28 -26.80
N GLY A 336 -6.86 -4.32 -26.10
CA GLY A 336 -7.98 -5.23 -26.35
C GLY A 336 -7.75 -6.63 -25.78
N TYR A 337 -6.66 -6.81 -24.99
CA TYR A 337 -6.35 -8.18 -24.51
C TYR A 337 -7.25 -8.66 -23.41
N LEU A 338 -7.62 -7.75 -22.54
CA LEU A 338 -8.65 -8.07 -21.52
C LEU A 338 -9.92 -8.66 -22.14
N GLU A 339 -10.43 -7.94 -23.12
CA GLU A 339 -11.67 -8.34 -23.78
C GLU A 339 -11.53 -9.75 -24.40
N LYS A 340 -10.40 -10.03 -25.01
CA LYS A 340 -10.13 -11.31 -25.64
C LYS A 340 -9.86 -12.43 -24.63
N HIS A 341 -9.35 -12.10 -23.45
CA HIS A 341 -8.97 -13.13 -22.47
C HIS A 341 -10.13 -13.58 -21.58
N ILE A 342 -11.08 -12.67 -21.31
CA ILE A 342 -12.13 -12.97 -20.37
C ILE A 342 -12.85 -14.27 -20.78
N PRO A 343 -13.20 -14.46 -22.11
CA PRO A 343 -13.80 -15.80 -22.43
C PRO A 343 -12.95 -17.01 -22.08
N GLU A 344 -11.62 -16.92 -22.08
CA GLU A 344 -10.78 -18.08 -21.76
C GLU A 344 -10.82 -18.31 -20.28
N ILE A 345 -10.89 -17.21 -19.49
CA ILE A 345 -11.08 -17.42 -18.05
C ILE A 345 -12.44 -18.13 -17.80
N ARG A 346 -13.51 -17.67 -18.43
CA ARG A 346 -14.80 -18.32 -18.17
C ARG A 346 -14.80 -19.78 -18.58
N LYS A 347 -14.18 -20.08 -19.76
CA LYS A 347 -14.13 -21.48 -20.21
C LYS A 347 -13.35 -22.39 -19.24
N PHE A 348 -12.33 -21.85 -18.56
CA PHE A 348 -11.55 -22.59 -17.64
C PHE A 348 -12.29 -22.93 -16.32
N TYR A 349 -12.92 -21.94 -15.73
CA TYR A 349 -13.50 -22.15 -14.44
C TYR A 349 -14.89 -22.77 -14.51
N LYS A 350 -15.67 -22.58 -15.58
CA LYS A 350 -17.04 -23.09 -15.64
C LYS A 350 -17.10 -24.61 -15.32
N PRO A 351 -16.22 -25.44 -15.95
CA PRO A 351 -16.36 -26.88 -15.65
C PRO A 351 -15.97 -27.28 -14.22
N ARG A 352 -15.17 -26.44 -13.60
CA ARG A 352 -14.78 -26.63 -12.23
C ARG A 352 -15.93 -26.32 -11.28
N ARG A 353 -16.61 -25.22 -11.52
CA ARG A 353 -17.87 -24.90 -10.78
C ARG A 353 -18.82 -26.12 -10.97
N ASP A 354 -18.94 -26.54 -12.21
CA ASP A 354 -19.95 -27.62 -12.52
C ASP A 354 -19.57 -28.93 -11.84
N ALA A 355 -18.29 -29.36 -11.89
CA ALA A 355 -17.87 -30.58 -11.20
C ALA A 355 -18.21 -30.48 -9.72
N MET A 356 -17.90 -29.32 -9.12
CA MET A 356 -18.19 -29.22 -7.68
C MET A 356 -19.72 -29.31 -7.42
N LEU A 357 -20.56 -28.63 -8.20
CA LEU A 357 -22.03 -28.68 -8.02
C LEU A 357 -22.59 -30.08 -8.26
N GLU A 358 -22.02 -30.75 -9.27
CA GLU A 358 -22.40 -32.19 -9.44
C GLU A 358 -22.02 -33.03 -8.29
N ALA A 359 -20.80 -32.86 -7.71
CA ALA A 359 -20.31 -33.73 -6.66
C ALA A 359 -21.16 -33.44 -5.41
N LEU A 360 -21.51 -32.14 -5.18
CA LEU A 360 -22.28 -31.88 -3.96
C LEU A 360 -23.61 -32.60 -4.07
N GLU A 361 -24.26 -32.50 -5.20
CA GLU A 361 -25.61 -33.10 -5.42
C GLU A 361 -25.56 -34.62 -5.20
N GLU A 362 -24.50 -35.24 -5.63
CA GLU A 362 -24.41 -36.69 -5.60
C GLU A 362 -24.00 -37.21 -4.26
N PHE A 363 -23.12 -36.49 -3.54
CA PHE A 363 -22.52 -37.05 -2.33
C PHE A 363 -23.09 -36.53 -1.01
N MET A 364 -23.61 -35.30 -0.98
CA MET A 364 -24.00 -34.68 0.30
C MET A 364 -25.25 -35.38 0.89
N PRO A 365 -25.22 -35.65 2.19
CA PRO A 365 -26.44 -36.23 2.79
C PRO A 365 -27.54 -35.21 2.92
N GLU A 366 -28.75 -35.72 3.13
CA GLU A 366 -29.89 -34.96 3.52
C GLU A 366 -29.60 -33.84 4.53
N GLY A 367 -30.14 -32.67 4.20
CA GLY A 367 -30.20 -31.52 5.08
C GLY A 367 -29.02 -30.59 4.86
N VAL A 368 -28.10 -30.97 3.99
CA VAL A 368 -27.00 -30.02 3.59
C VAL A 368 -27.48 -29.22 2.41
N LYS A 369 -27.15 -27.89 2.36
CA LYS A 369 -27.62 -26.99 1.35
C LYS A 369 -26.38 -26.20 0.90
N TRP A 370 -26.43 -25.74 -0.34
CA TRP A 370 -25.33 -24.93 -0.92
C TRP A 370 -25.82 -24.01 -1.94
N THR A 371 -25.07 -22.91 -2.12
CA THR A 371 -25.45 -21.98 -3.14
C THR A 371 -25.09 -22.51 -4.51
N LYS A 372 -25.68 -21.85 -5.48
CA LYS A 372 -25.54 -22.24 -6.90
C LYS A 372 -25.09 -20.97 -7.64
N PRO A 373 -23.75 -20.69 -7.61
CA PRO A 373 -23.30 -19.41 -8.12
C PRO A 373 -23.35 -19.36 -9.65
N GLU A 374 -23.59 -18.20 -10.21
CA GLU A 374 -23.53 -18.05 -11.69
C GLU A 374 -22.14 -17.65 -12.17
N GLY A 375 -21.18 -17.54 -11.22
CA GLY A 375 -19.87 -16.98 -11.61
C GLY A 375 -18.98 -17.01 -10.37
N GLY A 376 -17.78 -16.44 -10.53
CA GLY A 376 -16.86 -16.27 -9.36
C GLY A 376 -16.11 -17.53 -8.96
N MET A 377 -15.81 -17.68 -7.68
CA MET A 377 -14.80 -18.67 -7.33
C MET A 377 -15.27 -19.58 -6.23
N PHE A 378 -16.40 -19.29 -5.61
CA PHE A 378 -16.83 -19.95 -4.38
C PHE A 378 -18.26 -20.56 -4.36
N ILE A 379 -18.40 -21.63 -3.62
CA ILE A 379 -19.73 -22.21 -3.28
C ILE A 379 -19.78 -22.24 -1.75
N TRP A 380 -20.93 -21.87 -1.24
CA TRP A 380 -21.11 -21.73 0.20
C TRP A 380 -22.08 -22.76 0.71
N VAL A 381 -21.69 -23.47 1.73
CA VAL A 381 -22.46 -24.69 2.19
C VAL A 381 -23.03 -24.41 3.56
N THR A 382 -24.28 -24.86 3.80
CA THR A 382 -24.91 -24.75 5.12
C THR A 382 -25.17 -26.15 5.67
N LEU A 383 -24.70 -26.42 6.89
CA LEU A 383 -24.81 -27.74 7.49
C LEU A 383 -26.07 -27.86 8.34
N PRO A 384 -26.76 -29.03 8.26
CA PRO A 384 -27.97 -29.09 9.08
C PRO A 384 -27.33 -28.90 10.44
N ASP A 385 -27.64 -27.73 11.00
CA ASP A 385 -27.35 -27.36 12.38
C ASP A 385 -27.65 -28.44 13.41
N GLY A 386 -26.95 -28.34 14.52
CA GLY A 386 -26.02 -27.30 14.69
C GLY A 386 -24.67 -27.89 14.65
N ILE A 387 -24.31 -28.50 13.51
CA ILE A 387 -22.90 -28.80 13.36
C ILE A 387 -22.16 -27.50 13.40
N ASP A 388 -21.03 -27.49 14.08
CA ASP A 388 -20.21 -26.36 14.10
C ASP A 388 -19.05 -26.65 13.12
N SER A 389 -18.98 -25.88 12.02
CA SER A 389 -18.00 -26.27 10.97
C SER A 389 -16.59 -25.99 11.35
N LYS A 390 -16.41 -25.08 12.34
CA LYS A 390 -15.08 -24.78 12.81
C LYS A 390 -14.52 -26.00 13.62
N LYS A 391 -15.35 -26.57 14.49
CA LYS A 391 -15.06 -27.78 15.24
C LYS A 391 -14.85 -28.93 14.26
N MET A 392 -15.71 -29.01 13.24
CA MET A 392 -15.61 -30.13 12.26
C MET A 392 -14.35 -30.08 11.35
N LEU A 393 -13.69 -28.92 11.21
CA LEU A 393 -12.50 -28.83 10.33
C LEU A 393 -11.39 -29.86 10.69
N GLU A 394 -11.26 -30.16 12.00
CA GLU A 394 -10.27 -31.09 12.51
C GLU A 394 -10.50 -32.45 11.90
N ARG A 395 -11.76 -32.86 11.96
CA ARG A 395 -12.22 -34.12 11.40
C ARG A 395 -12.04 -34.18 9.90
N ALA A 396 -12.37 -33.04 9.23
CA ALA A 396 -12.31 -33.02 7.77
C ALA A 396 -10.86 -33.19 7.38
N ILE A 397 -9.96 -32.52 8.09
CA ILE A 397 -8.53 -32.53 7.75
C ILE A 397 -8.01 -33.99 7.89
N LYS A 398 -8.36 -34.61 9.01
CA LYS A 398 -8.12 -36.04 9.28
C LYS A 398 -8.58 -36.93 8.14
N LYS A 399 -9.67 -36.56 7.49
CA LYS A 399 -10.16 -37.33 6.31
C LYS A 399 -9.64 -36.82 4.93
N GLY A 400 -8.68 -35.88 4.98
CA GLY A 400 -7.91 -35.42 3.83
C GLY A 400 -8.60 -34.30 3.03
N VAL A 401 -9.42 -33.46 3.69
CA VAL A 401 -10.00 -32.32 2.98
C VAL A 401 -10.06 -31.09 3.89
N ALA A 402 -9.99 -29.91 3.29
CA ALA A 402 -10.10 -28.69 4.09
C ALA A 402 -11.04 -27.68 3.37
N TYR A 403 -11.55 -26.71 4.16
CA TYR A 403 -12.46 -25.69 3.64
C TYR A 403 -12.25 -24.51 4.59
N VAL A 404 -12.87 -23.35 4.31
CA VAL A 404 -12.81 -22.28 5.32
C VAL A 404 -14.13 -22.29 6.17
N PRO A 405 -14.03 -22.43 7.54
CA PRO A 405 -15.24 -22.39 8.37
C PRO A 405 -15.84 -20.99 8.18
N GLY A 406 -17.17 -20.92 8.05
CA GLY A 406 -17.85 -19.68 7.71
C GLY A 406 -17.85 -18.63 8.80
N GLU A 407 -17.52 -19.02 10.03
CA GLU A 407 -17.74 -18.06 11.19
C GLU A 407 -16.96 -16.75 11.02
N ALA A 408 -15.73 -16.82 10.49
CA ALA A 408 -14.91 -15.60 10.29
C ALA A 408 -15.50 -14.59 9.32
N PHE A 409 -16.41 -15.07 8.47
CA PHE A 409 -17.01 -14.17 7.48
C PHE A 409 -18.22 -13.35 8.05
N TYR A 410 -18.54 -13.54 9.34
CA TYR A 410 -19.66 -12.84 9.95
C TYR A 410 -19.07 -11.78 10.91
N ALA A 411 -19.51 -10.51 10.79
CA ALA A 411 -18.93 -9.40 11.57
C ALA A 411 -19.11 -9.79 13.04
N HIS A 412 -20.24 -10.42 13.34
CA HIS A 412 -20.56 -10.83 14.74
C HIS A 412 -20.19 -12.29 15.07
N ARG A 413 -19.50 -12.98 14.13
CA ARG A 413 -19.11 -14.38 14.35
C ARG A 413 -20.22 -15.21 15.00
N ASP A 414 -21.44 -15.00 14.58
CA ASP A 414 -22.58 -15.63 15.26
C ASP A 414 -23.25 -16.78 14.53
N VAL A 415 -22.69 -17.16 13.37
CA VAL A 415 -23.27 -18.28 12.57
C VAL A 415 -22.16 -19.32 12.46
N LYS A 416 -22.47 -20.57 12.81
CA LYS A 416 -21.42 -21.53 13.01
C LYS A 416 -21.48 -22.78 12.10
N ASN A 417 -22.54 -22.89 11.32
CA ASN A 417 -22.83 -24.08 10.51
C ASN A 417 -22.55 -23.89 8.99
N THR A 418 -21.79 -22.85 8.63
CA THR A 418 -21.44 -22.58 7.22
C THR A 418 -19.96 -22.87 6.83
N MET A 419 -19.73 -23.08 5.52
CA MET A 419 -18.38 -23.26 5.01
C MET A 419 -18.23 -22.62 3.62
N ARG A 420 -17.07 -22.07 3.35
CA ARG A 420 -16.71 -21.61 2.03
C ARG A 420 -15.87 -22.65 1.32
N LEU A 421 -16.32 -23.01 0.12
CA LEU A 421 -15.54 -23.98 -0.71
C LEU A 421 -15.08 -23.22 -1.93
N ASN A 422 -13.91 -23.59 -2.41
CA ASN A 422 -13.38 -22.92 -3.63
C ASN A 422 -13.17 -24.01 -4.72
N PHE A 423 -13.49 -23.65 -5.94
CA PHE A 423 -13.33 -24.54 -7.11
C PHE A 423 -12.32 -24.06 -8.15
N THR A 424 -11.71 -22.89 -7.93
CA THR A 424 -10.78 -22.35 -8.93
C THR A 424 -9.41 -23.00 -8.92
N TYR A 425 -8.90 -23.30 -7.74
CA TYR A 425 -7.51 -23.71 -7.67
C TYR A 425 -7.39 -24.98 -6.89
N VAL A 426 -8.19 -25.95 -7.32
CA VAL A 426 -7.76 -27.30 -7.53
C VAL A 426 -8.62 -27.89 -8.68
N ASP A 427 -8.48 -29.18 -8.99
CA ASP A 427 -8.78 -29.74 -10.32
C ASP A 427 -9.86 -30.83 -10.31
N GLU A 428 -10.59 -30.95 -11.41
CA GLU A 428 -11.88 -31.64 -11.36
C GLU A 428 -11.77 -32.95 -10.62
N ASP A 429 -10.66 -33.65 -10.84
CA ASP A 429 -10.53 -34.98 -10.27
C ASP A 429 -10.43 -34.87 -8.75
N LYS A 430 -9.71 -33.85 -8.30
CA LYS A 430 -9.64 -33.57 -6.89
C LYS A 430 -10.85 -32.84 -6.34
N ILE A 431 -11.58 -32.11 -7.17
CA ILE A 431 -12.86 -31.52 -6.71
C ILE A 431 -13.81 -32.70 -6.31
N MET A 432 -13.91 -33.69 -7.22
CA MET A 432 -14.86 -34.79 -6.91
C MET A 432 -14.42 -35.51 -5.65
N GLU A 433 -13.14 -35.84 -5.57
CA GLU A 433 -12.66 -36.57 -4.43
C GLU A 433 -12.76 -35.74 -3.13
N GLY A 434 -12.40 -34.47 -3.24
CA GLY A 434 -12.57 -33.56 -2.09
C GLY A 434 -13.97 -33.47 -1.56
N ILE A 435 -14.95 -33.28 -2.44
CA ILE A 435 -16.33 -33.17 -2.03
C ILE A 435 -16.79 -34.52 -1.44
N LYS A 436 -16.38 -35.64 -2.02
CA LYS A 436 -16.75 -36.91 -1.36
C LYS A 436 -16.24 -37.01 0.06
N ARG A 437 -14.99 -36.62 0.28
CA ARG A 437 -14.36 -36.72 1.62
C ARG A 437 -15.06 -35.75 2.58
N LEU A 438 -15.41 -34.56 2.07
CA LEU A 438 -16.21 -33.64 2.90
C LEU A 438 -17.58 -34.19 3.24
N ALA A 439 -18.26 -34.81 2.26
CA ALA A 439 -19.58 -35.43 2.47
C ALA A 439 -19.46 -36.55 3.53
N GLU A 440 -18.42 -37.39 3.49
CA GLU A 440 -18.30 -38.46 4.51
C GLU A 440 -17.97 -37.87 5.87
N THR A 441 -17.25 -36.75 5.86
CA THR A 441 -16.90 -36.06 7.11
C THR A 441 -18.23 -35.57 7.78
N ILE A 442 -19.14 -34.99 7.02
CA ILE A 442 -20.39 -34.52 7.53
C ILE A 442 -21.25 -35.68 8.00
N LYS A 443 -21.23 -36.80 7.28
CA LYS A 443 -22.02 -37.99 7.74
C LYS A 443 -21.51 -38.51 9.06
N GLU A 444 -20.19 -38.56 9.24
CA GLU A 444 -19.58 -38.95 10.53
C GLU A 444 -19.84 -37.99 11.66
N GLU A 445 -19.73 -36.70 11.37
CA GLU A 445 -20.09 -35.67 12.33
C GLU A 445 -21.57 -35.77 12.78
N LEU A 446 -22.51 -36.11 11.89
CA LEU A 446 -23.90 -36.27 12.27
C LEU A 446 -24.15 -37.45 13.24
N LYS A 447 -23.12 -38.22 13.58
CA LYS A 447 -23.27 -39.31 14.55
C LYS A 447 -22.51 -39.06 15.86
N ALA A 448 -23.14 -39.45 16.97
CA ALA A 448 -22.69 -39.11 18.36
C ALA A 448 -21.64 -37.98 18.51
N SER B 45 -18.43 18.38 -6.05
CA SER B 45 -19.08 17.04 -5.71
C SER B 45 -20.59 16.90 -5.98
N MET B 46 -21.03 15.74 -6.47
CA MET B 46 -22.48 15.55 -6.74
C MET B 46 -23.34 15.34 -5.49
N LEU B 47 -22.70 15.14 -4.35
CA LEU B 47 -23.40 14.87 -3.09
C LEU B 47 -23.50 16.17 -2.26
N GLY B 48 -23.11 17.30 -2.85
CA GLY B 48 -23.16 18.58 -2.13
C GLY B 48 -22.09 18.70 -1.03
N ASP B 49 -22.51 18.87 0.22
CA ASP B 49 -21.55 18.90 1.34
C ASP B 49 -21.01 17.49 1.59
N VAL B 50 -20.10 17.00 0.75
CA VAL B 50 -19.60 15.61 0.88
C VAL B 50 -18.81 15.45 2.23
N GLU B 51 -18.30 16.56 2.76
CA GLU B 51 -17.63 16.57 4.07
C GLU B 51 -18.45 15.93 5.21
N ARG B 52 -19.78 15.87 5.08
CA ARG B 52 -20.60 15.33 6.14
C ARG B 52 -20.30 13.86 6.39
N PHE B 53 -19.63 13.23 5.39
CA PHE B 53 -19.34 11.80 5.53
C PHE B 53 -17.95 11.53 6.05
N PHE B 54 -17.09 12.54 6.08
CA PHE B 54 -15.63 12.31 6.25
C PHE B 54 -15.28 12.13 7.71
N SER B 55 -14.27 11.28 7.95
CA SER B 55 -13.73 11.14 9.30
C SER B 55 -12.96 12.40 9.75
N LYS B 56 -12.72 12.43 11.05
CA LYS B 56 -12.02 13.62 11.70
C LYS B 56 -10.67 13.75 11.05
N LYS B 57 -9.99 12.65 10.79
CA LYS B 57 -8.63 12.77 10.16
C LYS B 57 -8.73 13.23 8.71
N ALA B 58 -9.73 12.74 7.99
CA ALA B 58 -9.95 13.16 6.61
C ALA B 58 -10.27 14.65 6.57
N LEU B 59 -11.03 15.17 7.54
CA LEU B 59 -11.39 16.57 7.46
C LEU B 59 -10.15 17.42 7.60
N GLU B 60 -9.12 16.95 8.26
CA GLU B 60 -7.85 17.74 8.39
C GLU B 60 -6.95 17.63 7.18
N MET B 61 -6.97 16.48 6.52
CA MET B 61 -6.18 16.33 5.26
C MET B 61 -6.40 17.45 4.23
N ARG B 62 -5.29 18.07 3.80
CA ARG B 62 -5.37 19.13 2.76
C ARG B 62 -4.27 18.88 1.74
N ALA B 63 -4.50 19.39 0.53
CA ALA B 63 -3.47 19.52 -0.50
C ALA B 63 -2.54 20.72 -0.10
N SER B 64 -1.26 20.61 -0.45
CA SER B 64 -0.29 21.71 -0.18
C SER B 64 -0.26 22.69 -1.37
N GLU B 65 -0.42 23.99 -1.09
CA GLU B 65 -0.36 25.02 -2.15
C GLU B 65 1.01 24.99 -2.87
N VAL B 66 2.07 24.90 -2.07
CA VAL B 66 3.45 24.79 -2.63
C VAL B 66 3.60 23.55 -3.52
N ARG B 67 3.08 22.40 -3.07
CA ARG B 67 3.31 21.20 -3.86
C ARG B 67 2.55 21.25 -5.18
N GLU B 68 1.35 21.84 -5.14
CA GLU B 68 0.52 22.03 -6.34
C GLU B 68 1.19 22.98 -7.34
N LEU B 69 1.71 24.11 -6.82
CA LEU B 69 2.52 25.05 -7.63
C LEU B 69 3.71 24.30 -8.28
N LEU B 70 4.46 23.54 -7.47
CA LEU B 70 5.58 22.75 -8.01
C LEU B 70 5.21 21.64 -9.05
N LYS B 71 4.05 21.00 -8.89
CA LYS B 71 3.61 20.03 -9.90
C LYS B 71 3.46 20.81 -11.23
N LEU B 72 2.95 22.04 -11.17
CA LEU B 72 2.73 22.86 -12.37
C LEU B 72 4.04 23.32 -12.99
N VAL B 73 4.97 23.76 -12.14
CA VAL B 73 6.36 24.03 -12.54
C VAL B 73 7.00 22.85 -13.30
N GLU B 74 6.89 21.64 -12.75
CA GLU B 74 7.63 20.49 -13.33
C GLU B 74 7.25 20.39 -14.82
N THR B 75 5.97 20.45 -15.15
CA THR B 75 5.54 20.25 -16.53
C THR B 75 6.01 21.36 -17.49
N SER B 76 6.34 22.55 -16.95
CA SER B 76 6.58 23.74 -17.78
C SER B 76 8.06 23.96 -18.14
N ASP B 77 8.38 25.15 -18.65
CA ASP B 77 9.72 25.44 -19.22
C ASP B 77 10.80 25.96 -18.25
N ILE B 78 10.44 26.18 -16.98
CA ILE B 78 11.34 26.64 -15.89
C ILE B 78 12.45 25.62 -15.57
N ILE B 79 13.64 26.06 -15.12
CA ILE B 79 14.64 25.11 -14.63
C ILE B 79 14.31 24.71 -13.17
N SER B 80 13.83 23.48 -12.97
CA SER B 80 13.42 23.11 -11.61
C SER B 80 14.54 22.37 -10.86
N LEU B 81 14.87 22.91 -9.68
CA LEU B 81 15.79 22.31 -8.70
C LEU B 81 14.91 21.76 -7.58
N ALA B 82 13.59 21.68 -7.79
CA ALA B 82 12.66 21.26 -6.76
C ALA B 82 12.38 19.78 -6.71
N GLY B 83 12.83 19.02 -7.71
CA GLY B 83 12.39 17.62 -7.80
C GLY B 83 12.94 16.71 -6.71
N GLY B 84 12.29 15.59 -6.53
CA GLY B 84 12.80 14.55 -5.61
C GLY B 84 12.96 13.21 -6.32
N LEU B 85 13.18 13.22 -7.64
CA LEU B 85 13.15 12.00 -8.42
C LEU B 85 14.56 11.59 -8.81
N PRO B 86 14.81 10.28 -8.83
CA PRO B 86 16.03 9.83 -9.41
C PRO B 86 15.93 10.03 -10.99
N ASN B 87 17.08 10.00 -11.65
CA ASN B 87 17.15 10.26 -13.14
C ASN B 87 16.99 8.97 -13.88
N PRO B 88 16.05 8.93 -14.81
CA PRO B 88 15.78 7.61 -15.50
C PRO B 88 16.96 7.10 -16.28
N LYS B 89 17.96 7.95 -16.55
CA LYS B 89 19.26 7.49 -17.12
C LYS B 89 20.00 6.52 -16.26
N THR B 90 19.67 6.52 -14.96
CA THR B 90 20.29 5.57 -14.06
C THR B 90 19.50 4.28 -13.92
N PHE B 91 18.30 4.20 -14.51
CA PHE B 91 17.59 2.94 -14.45
C PHE B 91 18.30 1.88 -15.32
N PRO B 92 18.56 0.67 -14.80
CA PRO B 92 19.34 -0.34 -15.54
C PRO B 92 18.38 -1.10 -16.50
N LYS B 93 18.02 -0.45 -17.58
CA LYS B 93 16.95 -0.97 -18.41
C LYS B 93 17.31 -2.28 -19.12
N GLU B 94 18.58 -2.42 -19.53
CA GLU B 94 18.98 -3.70 -20.15
C GLU B 94 18.91 -4.85 -19.19
N ILE B 95 19.33 -4.61 -17.96
CA ILE B 95 19.31 -5.64 -16.93
C ILE B 95 17.85 -5.93 -16.63
N ILE B 96 17.03 -4.87 -16.64
CA ILE B 96 15.60 -5.08 -16.32
C ILE B 96 14.98 -5.93 -17.42
N ARG B 97 15.36 -5.63 -18.69
CA ARG B 97 14.75 -6.42 -19.80
C ARG B 97 15.13 -7.92 -19.65
N ASP B 98 16.41 -8.18 -19.35
CA ASP B 98 16.88 -9.57 -19.21
C ASP B 98 16.17 -10.24 -18.04
N ILE B 99 15.93 -9.50 -16.94
CA ILE B 99 15.27 -10.14 -15.81
C ILE B 99 13.80 -10.48 -16.15
N LEU B 100 13.16 -9.57 -16.89
CA LEU B 100 11.76 -9.83 -17.27
C LEU B 100 11.62 -11.10 -18.11
N VAL B 101 12.57 -11.27 -19.05
CA VAL B 101 12.58 -12.47 -19.86
C VAL B 101 12.72 -13.66 -18.98
N GLU B 102 13.71 -13.62 -18.08
CA GLU B 102 13.94 -14.70 -17.15
C GLU B 102 12.72 -15.06 -16.30
N ILE B 103 12.00 -14.03 -15.80
CA ILE B 103 10.85 -14.31 -14.99
C ILE B 103 9.77 -15.00 -15.80
N MET B 104 9.52 -14.56 -17.01
CA MET B 104 8.48 -15.24 -17.78
C MET B 104 8.87 -16.65 -18.21
N GLU B 105 10.19 -16.93 -18.37
CA GLU B 105 10.68 -18.28 -18.68
C GLU B 105 10.62 -19.19 -17.46
N LYS B 106 10.98 -18.69 -16.28
CA LYS B 106 11.22 -19.61 -15.17
C LYS B 106 10.41 -19.36 -13.93
N TYR B 107 9.92 -18.14 -13.74
CA TYR B 107 9.30 -17.79 -12.43
C TYR B 107 7.86 -17.23 -12.58
N ALA B 108 7.18 -17.51 -13.70
CA ALA B 108 5.98 -16.76 -14.04
C ALA B 108 4.85 -16.93 -13.06
N ASP B 109 4.58 -18.17 -12.65
CA ASP B 109 3.48 -18.38 -11.70
C ASP B 109 3.75 -17.72 -10.37
N LYS B 110 5.00 -17.74 -9.91
CA LYS B 110 5.31 -17.10 -8.64
C LYS B 110 5.21 -15.54 -8.76
N ALA B 111 5.67 -14.97 -9.87
CA ALA B 111 5.67 -13.54 -10.01
C ALA B 111 4.24 -13.04 -10.17
N LEU B 112 3.37 -13.94 -10.66
CA LEU B 112 1.99 -13.45 -11.04
C LEU B 112 0.92 -13.74 -10.01
N GLN B 113 1.20 -14.63 -9.07
CA GLN B 113 0.25 -15.01 -8.07
C GLN B 113 0.27 -14.05 -6.84
N TYR B 114 -0.81 -14.09 -6.03
CA TYR B 114 -0.73 -13.45 -4.69
C TYR B 114 0.55 -13.96 -3.97
N GLY B 115 1.14 -13.13 -3.14
CA GLY B 115 2.27 -13.52 -2.26
C GLY B 115 1.84 -13.44 -0.77
N THR B 116 2.75 -13.88 0.09
CA THR B 116 2.45 -13.73 1.50
C THR B 116 2.60 -12.27 1.93
N THR B 117 1.94 -11.91 3.03
CA THR B 117 2.13 -10.55 3.54
C THR B 117 3.58 -10.21 3.84
N LYS B 118 4.31 -11.16 4.37
CA LYS B 118 5.67 -10.90 4.77
C LYS B 118 6.63 -10.65 3.64
N GLY B 119 6.33 -11.23 2.46
CA GLY B 119 7.16 -10.99 1.30
C GLY B 119 7.65 -12.28 0.67
N PHE B 120 8.18 -12.11 -0.53
CA PHE B 120 8.64 -13.25 -1.34
C PHE B 120 9.91 -13.81 -0.69
N THR B 121 9.83 -15.06 -0.27
CA THR B 121 10.97 -15.59 0.56
C THR B 121 12.39 -15.40 -0.04
N PRO B 122 12.58 -15.67 -1.35
CA PRO B 122 13.91 -15.52 -1.88
C PRO B 122 14.43 -14.07 -1.87
N LEU B 123 13.53 -13.11 -2.07
CA LEU B 123 13.94 -11.72 -1.87
C LEU B 123 14.33 -11.43 -0.39
N ARG B 124 13.56 -11.92 0.59
CA ARG B 124 13.86 -11.68 1.97
C ARG B 124 15.23 -12.29 2.26
N GLU B 125 15.46 -13.49 1.72
CA GLU B 125 16.75 -14.18 2.01
C GLU B 125 17.93 -13.43 1.38
N THR B 126 17.82 -13.06 0.12
CA THR B 126 18.89 -12.41 -0.57
C THR B 126 19.16 -11.06 0.08
N LEU B 127 18.11 -10.33 0.46
CA LEU B 127 18.37 -9.03 1.13
C LEU B 127 19.13 -9.20 2.50
N MET B 128 18.72 -10.16 3.31
CA MET B 128 19.42 -10.31 4.61
C MET B 128 20.87 -10.73 4.32
N LYS B 129 21.11 -11.56 3.29
CA LYS B 129 22.51 -11.85 2.97
C LYS B 129 23.28 -10.62 2.51
N TRP B 130 22.68 -9.78 1.70
CA TRP B 130 23.32 -8.58 1.18
C TRP B 130 23.59 -7.67 2.35
N LEU B 131 22.58 -7.47 3.17
CA LEU B 131 22.73 -6.58 4.29
C LEU B 131 23.82 -7.05 5.30
N GLY B 132 23.87 -8.34 5.55
CA GLY B 132 24.88 -8.94 6.46
C GLY B 132 26.29 -8.70 5.92
N LYS B 133 26.55 -9.17 4.72
CA LYS B 133 27.87 -9.05 4.07
C LYS B 133 28.27 -7.62 3.79
N ARG B 134 27.35 -6.81 3.26
CA ARG B 134 27.78 -5.45 2.86
C ARG B 134 27.82 -4.45 4.02
N TYR B 135 26.95 -4.62 4.98
CA TYR B 135 26.84 -3.59 6.02
C TYR B 135 27.09 -4.13 7.42
N GLY B 136 27.22 -5.44 7.56
CA GLY B 136 27.43 -6.01 8.89
C GLY B 136 26.17 -6.05 9.73
N ILE B 137 24.97 -5.99 9.11
CA ILE B 137 23.71 -6.13 9.87
C ILE B 137 23.47 -7.55 10.34
N SER B 138 23.11 -7.64 11.59
CA SER B 138 22.92 -8.94 12.26
C SER B 138 21.82 -9.80 11.68
N GLN B 139 22.12 -11.08 11.50
CA GLN B 139 21.15 -12.04 10.98
C GLN B 139 20.08 -12.43 12.02
N ASP B 140 20.18 -11.97 13.27
CA ASP B 140 19.10 -12.19 14.30
C ASP B 140 17.85 -11.33 14.04
N ASN B 141 17.98 -10.36 13.15
CA ASN B 141 16.77 -9.60 12.80
C ASN B 141 15.89 -10.34 11.84
N ASP B 142 14.62 -9.92 11.78
CA ASP B 142 13.71 -10.43 10.80
C ASP B 142 13.54 -9.34 9.72
N ILE B 143 12.86 -9.71 8.64
CA ILE B 143 12.65 -8.74 7.52
C ILE B 143 11.28 -8.92 6.91
N MET B 144 10.68 -7.78 6.51
CA MET B 144 9.40 -7.82 5.81
C MET B 144 9.59 -6.91 4.59
N ILE B 145 8.97 -7.30 3.45
CA ILE B 145 8.98 -6.45 2.27
C ILE B 145 7.86 -5.45 2.33
N THR B 146 8.13 -4.21 1.92
CA THR B 146 7.09 -3.20 1.98
C THR B 146 6.84 -2.66 0.55
N SER B 147 5.70 -1.97 0.44
CA SER B 147 5.31 -1.35 -0.85
C SER B 147 5.91 0.02 -0.90
N GLY B 148 7.26 0.01 -0.85
CA GLY B 148 7.97 1.27 -0.64
C GLY B 148 8.23 1.57 0.82
N SER B 149 9.37 2.27 1.12
CA SER B 149 9.51 2.84 2.46
C SER B 149 8.37 3.79 2.88
N GLN B 150 7.65 4.46 1.94
CA GLN B 150 6.50 5.21 2.35
C GLN B 150 5.56 4.27 3.15
N GLN B 151 5.31 3.03 2.67
CA GLN B 151 4.43 2.16 3.39
C GLN B 151 5.05 1.73 4.79
N ALA B 152 6.37 1.54 4.83
CA ALA B 152 6.99 1.33 6.11
C ALA B 152 6.71 2.43 7.12
N LEU B 153 6.81 3.70 6.69
CA LEU B 153 6.58 4.79 7.61
C LEU B 153 5.12 4.78 8.09
N ASP B 154 4.15 4.60 7.20
CA ASP B 154 2.78 4.42 7.62
C ASP B 154 2.58 3.29 8.64
N LEU B 155 3.18 2.13 8.37
CA LEU B 155 3.04 0.96 9.27
C LEU B 155 3.72 1.26 10.63
N ILE B 156 4.85 2.00 10.64
CA ILE B 156 5.45 2.38 11.93
C ILE B 156 4.46 3.23 12.69
N GLY B 157 3.80 4.20 12.03
CA GLY B 157 2.82 5.01 12.71
C GLY B 157 1.67 4.13 13.26
N ARG B 158 1.18 3.22 12.45
CA ARG B 158 0.10 2.35 12.85
C ARG B 158 0.45 1.53 14.08
N VAL B 159 1.64 0.95 14.04
CA VAL B 159 2.03 -0.05 15.02
C VAL B 159 2.51 0.59 16.34
N PHE B 160 3.11 1.78 16.29
CA PHE B 160 3.68 2.36 17.49
C PHE B 160 2.89 3.49 18.05
N LEU B 161 2.17 4.25 17.22
CA LEU B 161 1.74 5.58 17.71
C LEU B 161 0.29 5.66 18.15
N ASN B 162 0.11 5.97 19.41
CA ASN B 162 -1.17 6.47 19.94
C ASN B 162 -1.19 8.02 19.84
N PRO B 163 -2.36 8.67 19.86
CA PRO B 163 -2.39 10.13 19.77
C PRO B 163 -1.65 10.71 20.94
N GLY B 164 -0.81 11.67 20.64
CA GLY B 164 0.06 12.27 21.62
C GLY B 164 1.37 11.63 21.95
N ASP B 165 1.66 10.42 21.42
CA ASP B 165 2.96 9.82 21.67
C ASP B 165 4.03 10.73 21.03
N ILE B 166 5.22 10.73 21.59
CA ILE B 166 6.24 11.72 21.18
C ILE B 166 7.18 11.04 20.17
N VAL B 167 7.30 11.65 18.98
CA VAL B 167 8.27 11.21 17.94
C VAL B 167 9.31 12.32 17.89
N VAL B 168 10.57 11.93 17.90
CA VAL B 168 11.69 12.84 17.64
C VAL B 168 11.98 12.76 16.15
N VAL B 169 12.13 13.95 15.53
CA VAL B 169 12.63 13.94 14.13
C VAL B 169 13.78 14.94 14.10
N GLU B 170 14.60 14.84 13.05
CA GLU B 170 15.57 15.94 12.76
C GLU B 170 14.85 17.17 12.27
N ALA B 171 15.54 18.32 12.33
CA ALA B 171 15.04 19.61 11.84
C ALA B 171 16.13 20.14 10.90
N PRO B 172 15.94 20.01 9.57
CA PRO B 172 14.76 19.45 8.86
C PRO B 172 14.72 17.89 8.90
N THR B 173 13.59 17.37 8.44
CA THR B 173 13.46 15.93 8.18
C THR B 173 12.68 15.72 6.85
N TYR B 174 12.43 14.45 6.53
CA TYR B 174 11.77 14.05 5.27
C TYR B 174 10.33 14.34 5.41
N LEU B 175 9.85 15.19 4.50
CA LEU B 175 8.46 15.63 4.62
C LEU B 175 7.44 14.50 4.53
N ALA B 176 7.66 13.49 3.68
CA ALA B 176 6.66 12.38 3.61
C ALA B 176 6.62 11.55 4.87
N ALA B 177 7.68 11.57 5.69
CA ALA B 177 7.64 10.82 6.95
C ALA B 177 6.68 11.61 7.87
N LEU B 178 6.77 12.97 7.93
CA LEU B 178 5.83 13.72 8.76
C LEU B 178 4.37 13.45 8.27
N GLN B 179 4.22 13.32 6.98
CA GLN B 179 2.88 13.01 6.40
C GLN B 179 2.37 11.66 6.81
N ALA B 180 3.23 10.66 6.80
CA ALA B 180 2.79 9.28 7.19
C ALA B 180 2.42 9.35 8.67
N PHE B 181 3.30 9.97 9.45
CA PHE B 181 3.07 9.92 10.92
C PHE B 181 1.92 10.78 11.37
N ASN B 182 1.59 11.85 10.61
CA ASN B 182 0.59 12.79 11.06
C ASN B 182 -0.82 12.20 11.25
N PHE B 183 -1.14 11.14 10.49
CA PHE B 183 -2.45 10.50 10.51
C PHE B 183 -2.66 10.00 11.99
N TYR B 184 -1.56 9.64 12.65
CA TYR B 184 -1.58 9.00 13.98
C TYR B 184 -1.44 10.01 15.14
N GLU B 185 -1.38 11.31 14.81
CA GLU B 185 -1.42 12.42 15.75
C GLU B 185 -0.31 12.41 16.82
N PRO B 186 0.95 12.22 16.41
CA PRO B 186 2.04 12.29 17.45
C PRO B 186 2.25 13.76 17.81
N GLN B 187 2.99 13.99 18.87
CA GLN B 187 3.64 15.29 19.18
C GLN B 187 5.06 15.13 18.71
N TYR B 188 5.62 16.14 18.05
CA TYR B 188 7.03 16.04 17.65
C TYR B 188 8.00 16.85 18.50
N ILE B 189 9.20 16.33 18.64
CA ILE B 189 10.31 17.13 19.18
C ILE B 189 11.28 17.17 18.01
N GLN B 190 11.80 18.35 17.64
CA GLN B 190 12.70 18.39 16.50
C GLN B 190 14.09 18.74 17.00
N ILE B 191 15.08 18.08 16.44
CA ILE B 191 16.50 18.20 16.89
C ILE B 191 17.27 18.72 15.66
N PRO B 192 17.91 19.90 15.82
CA PRO B 192 18.64 20.42 14.68
C PRO B 192 19.79 19.53 14.22
N LEU B 193 20.04 19.68 12.90
CA LEU B 193 21.27 19.17 12.32
C LEU B 193 22.33 20.21 12.25
N ASP B 194 23.56 19.72 12.10
CA ASP B 194 24.67 20.59 11.66
C ASP B 194 25.35 19.80 10.54
N ASP B 195 26.61 20.16 10.20
CA ASP B 195 27.20 19.49 9.05
C ASP B 195 27.59 18.05 9.32
N GLU B 196 27.45 17.60 10.56
CA GLU B 196 27.64 16.18 10.87
C GLU B 196 26.34 15.50 11.38
N GLY B 197 25.22 15.99 10.89
CA GLY B 197 23.94 15.33 11.06
C GLY B 197 23.28 15.78 12.35
N MET B 198 22.43 14.91 12.89
CA MET B 198 21.64 15.29 14.11
C MET B 198 22.55 15.72 15.25
N LYS B 199 22.19 16.81 15.91
CA LYS B 199 22.95 17.21 17.10
C LYS B 199 22.48 16.38 18.27
N VAL B 200 23.04 15.18 18.42
CA VAL B 200 22.58 14.15 19.42
C VAL B 200 22.72 14.73 20.88
N GLU B 201 23.69 15.61 21.08
CA GLU B 201 23.73 16.34 22.40
C GLU B 201 22.48 17.14 22.72
N ILE B 202 21.81 17.80 21.75
CA ILE B 202 20.62 18.55 21.98
C ILE B 202 19.49 17.51 22.19
N LEU B 203 19.54 16.38 21.49
CA LEU B 203 18.56 15.35 21.81
C LEU B 203 18.72 14.92 23.32
N GLU B 204 19.95 14.71 23.81
CA GLU B 204 20.07 14.29 25.26
C GLU B 204 19.44 15.38 26.18
N GLU B 205 19.65 16.66 25.81
CA GLU B 205 19.11 17.75 26.62
C GLU B 205 17.61 17.70 26.65
N LYS B 206 17.01 17.53 25.46
CA LYS B 206 15.54 17.45 25.35
C LYS B 206 14.99 16.19 26.05
N LEU B 207 15.70 15.07 26.04
CA LEU B 207 15.25 13.82 26.70
C LEU B 207 15.22 14.12 28.24
N LYS B 208 16.23 14.84 28.74
CA LYS B 208 16.27 15.16 30.19
C LYS B 208 15.18 16.10 30.56
N GLU B 209 14.90 17.07 29.68
CA GLU B 209 13.77 18.00 29.97
C GLU B 209 12.46 17.25 29.96
N LEU B 210 12.28 16.37 28.98
CA LEU B 210 10.99 15.63 28.91
C LEU B 210 10.90 14.75 30.16
N LYS B 211 11.98 14.09 30.53
CA LYS B 211 11.99 13.24 31.75
C LYS B 211 11.55 14.04 33.01
N SER B 212 12.02 15.28 33.11
CA SER B 212 11.65 16.18 34.23
C SER B 212 10.15 16.57 34.24
N GLN B 213 9.51 16.51 33.06
CA GLN B 213 8.08 16.72 32.84
C GLN B 213 7.29 15.41 33.01
N GLY B 214 7.98 14.32 33.36
CA GLY B 214 7.41 12.95 33.46
C GLY B 214 7.01 12.30 32.12
N LYS B 215 7.65 12.77 31.05
CA LYS B 215 7.32 12.30 29.68
C LYS B 215 8.47 11.52 29.01
N LYS B 216 8.15 10.77 27.96
CA LYS B 216 9.15 9.91 27.29
C LYS B 216 8.92 10.03 25.83
N VAL B 217 9.98 9.75 25.07
CA VAL B 217 9.80 9.68 23.57
C VAL B 217 9.57 8.21 23.24
N LYS B 218 8.69 7.95 22.27
CA LYS B 218 8.60 6.58 21.79
C LYS B 218 9.52 6.17 20.62
N VAL B 219 9.66 7.07 19.67
CA VAL B 219 10.42 6.72 18.45
C VAL B 219 11.25 7.93 18.12
N VAL B 220 12.48 7.63 17.74
CA VAL B 220 13.35 8.64 17.05
C VAL B 220 13.44 8.18 15.56
N TYR B 221 13.04 9.11 14.69
CA TYR B 221 13.11 8.88 13.23
C TYR B 221 14.32 9.67 12.72
N THR B 222 15.24 8.97 12.07
CA THR B 222 16.44 9.59 11.50
C THR B 222 16.68 9.14 10.04
N VAL B 223 17.16 10.09 9.24
CA VAL B 223 17.63 9.80 7.82
C VAL B 223 19.12 10.18 7.92
N PRO B 224 19.93 9.23 8.44
CA PRO B 224 21.25 9.66 8.90
C PRO B 224 22.29 9.68 7.80
N THR B 225 21.98 9.22 6.58
CA THR B 225 23.09 9.29 5.53
C THR B 225 22.58 10.01 4.27
N PHE B 226 23.23 11.12 3.93
CA PHE B 226 22.87 11.97 2.73
C PHE B 226 21.39 12.36 2.87
N GLN B 227 21.07 13.11 3.93
CA GLN B 227 19.69 13.24 4.29
C GLN B 227 18.89 13.84 3.13
N ASN B 228 17.65 13.38 3.02
CA ASN B 228 16.65 14.20 2.34
C ASN B 228 15.88 14.99 3.44
N PRO B 229 16.03 16.32 3.53
CA PRO B 229 16.46 17.21 2.41
C PRO B 229 17.91 17.78 2.59
N ALA B 230 18.55 17.54 3.76
CA ALA B 230 19.73 18.42 4.12
C ALA B 230 21.03 17.96 3.48
N GLY B 231 21.12 16.67 3.10
CA GLY B 231 22.32 16.19 2.40
C GLY B 231 23.44 15.73 3.34
N VAL B 232 23.32 15.98 4.65
CA VAL B 232 24.42 15.72 5.59
C VAL B 232 24.30 14.36 6.20
N THR B 233 25.36 13.91 6.86
CA THR B 233 25.47 12.55 7.32
C THR B 233 25.85 12.56 8.82
N MET B 234 25.12 11.81 9.62
CA MET B 234 25.42 11.69 11.06
C MET B 234 26.73 10.98 11.21
N ASN B 235 27.64 11.61 11.95
CA ASN B 235 28.93 10.96 12.15
C ASN B 235 28.90 9.68 13.02
N GLU B 236 30.02 8.95 13.05
CA GLU B 236 30.03 7.67 13.76
C GLU B 236 29.77 7.80 15.29
N ASP B 237 30.47 8.73 15.89
CA ASP B 237 30.26 9.02 17.33
C ASP B 237 28.82 9.30 17.71
N ARG B 238 28.12 10.07 16.86
CA ARG B 238 26.73 10.35 17.11
C ARG B 238 25.85 9.16 16.96
N ARG B 239 26.15 8.28 16.04
CA ARG B 239 25.36 7.05 15.88
C ARG B 239 25.43 6.20 17.16
N LYS B 240 26.63 6.07 17.68
CA LYS B 240 26.82 5.31 18.91
C LYS B 240 26.16 6.00 20.12
N TYR B 241 26.26 7.32 20.19
CA TYR B 241 25.62 8.14 21.22
C TYR B 241 24.09 7.99 21.15
N LEU B 242 23.53 8.06 19.94
CA LEU B 242 22.11 7.90 19.77
C LEU B 242 21.65 6.54 20.35
N LEU B 243 22.41 5.50 20.10
CA LEU B 243 22.05 4.23 20.59
C LEU B 243 22.21 4.13 22.12
N GLU B 244 23.20 4.80 22.71
CA GLU B 244 23.28 4.76 24.22
C GLU B 244 22.01 5.44 24.74
N LEU B 245 21.57 6.55 24.10
CA LEU B 245 20.38 7.26 24.54
C LEU B 245 19.14 6.35 24.39
N ALA B 246 19.13 5.52 23.33
CA ALA B 246 17.97 4.72 23.03
C ALA B 246 17.83 3.66 24.14
N SER B 247 18.98 3.23 24.64
CA SER B 247 19.01 2.30 25.77
C SER B 247 18.64 3.00 27.11
N GLU B 248 19.25 4.14 27.37
CA GLU B 248 19.05 4.79 28.62
C GLU B 248 17.61 5.30 28.79
N TYR B 249 17.02 5.78 27.69
CA TYR B 249 15.68 6.36 27.70
C TYR B 249 14.61 5.45 27.09
N ASP B 250 14.99 4.24 26.70
CA ASP B 250 14.09 3.23 26.20
C ASP B 250 13.16 3.68 25.03
N PHE B 251 13.79 3.98 23.89
CA PHE B 251 13.01 4.29 22.70
C PHE B 251 13.50 3.46 21.53
N ILE B 252 12.69 3.46 20.48
CA ILE B 252 12.96 2.76 19.20
C ILE B 252 13.57 3.80 18.22
N VAL B 253 14.57 3.36 17.42
CA VAL B 253 15.14 4.21 16.36
C VAL B 253 14.68 3.65 15.00
N VAL B 254 14.16 4.54 14.17
CA VAL B 254 13.88 4.19 12.75
C VAL B 254 14.97 4.84 11.94
N GLU B 255 15.70 4.00 11.22
CA GLU B 255 16.82 4.45 10.37
C GLU B 255 16.32 4.31 8.92
N ASP B 256 16.05 5.46 8.24
CA ASP B 256 15.57 5.40 6.86
C ASP B 256 16.78 5.69 5.98
N ASP B 257 17.14 4.69 5.19
CA ASP B 257 18.37 4.74 4.37
C ASP B 257 18.18 4.49 2.87
N PRO B 258 17.57 5.47 2.16
CA PRO B 258 17.36 5.23 0.68
C PRO B 258 18.65 5.43 -0.11
N TYR B 259 19.64 6.10 0.48
CA TYR B 259 20.75 6.67 -0.32
C TYR B 259 22.17 6.17 -0.11
N GLY B 260 22.37 5.23 0.85
CA GLY B 260 23.75 4.91 1.26
C GLY B 260 24.58 4.43 0.12
N GLU B 261 23.98 3.80 -0.87
CA GLU B 261 24.78 3.39 -2.05
C GLU B 261 25.10 4.45 -3.05
N LEU B 262 24.47 5.61 -2.91
CA LEU B 262 24.68 6.72 -3.85
C LEU B 262 25.75 7.63 -3.21
N ARG B 263 26.92 7.04 -2.96
CA ARG B 263 28.03 7.71 -2.38
C ARG B 263 29.04 8.17 -3.45
N TYR B 264 29.43 9.44 -3.44
CA TYR B 264 30.28 9.99 -4.53
C TYR B 264 31.66 10.32 -4.03
N SER B 265 31.78 10.51 -2.73
CA SER B 265 33.08 10.83 -2.12
C SER B 265 33.07 10.38 -0.68
N GLY B 266 34.24 10.34 -0.04
CA GLY B 266 34.32 9.85 1.33
C GLY B 266 34.28 8.39 1.43
N ASN B 267 34.31 7.95 2.66
CA ASN B 267 34.30 6.52 2.96
C ASN B 267 32.94 6.11 3.49
N PRO B 268 32.52 4.82 3.30
CA PRO B 268 31.19 4.34 3.78
C PRO B 268 31.04 4.52 5.30
N GLU B 269 29.87 5.00 5.73
CA GLU B 269 29.47 5.04 7.12
C GLU B 269 29.12 3.68 7.61
N LYS B 270 29.04 3.55 8.94
CA LYS B 270 28.43 2.31 9.57
C LYS B 270 26.93 2.58 9.77
N LYS B 271 26.11 1.65 9.32
CA LYS B 271 24.66 1.87 9.47
C LYS B 271 24.38 1.85 11.00
N ILE B 272 23.44 2.69 11.41
CA ILE B 272 23.03 2.63 12.83
C ILE B 272 22.59 1.18 13.13
N LYS B 273 21.92 0.55 12.19
CA LYS B 273 21.40 -0.80 12.42
C LYS B 273 22.59 -1.83 12.63
N ALA B 274 23.70 -1.56 11.98
CA ALA B 274 24.91 -2.41 12.21
C ALA B 274 25.52 -2.27 13.61
N LEU B 275 25.25 -1.15 14.26
CA LEU B 275 25.78 -0.87 15.64
C LEU B 275 24.80 -1.32 16.71
N ASP B 276 23.61 -1.79 16.28
CA ASP B 276 22.46 -2.07 17.16
C ASP B 276 22.52 -3.45 17.83
N ASN B 277 23.13 -3.52 19.02
CA ASN B 277 23.19 -4.78 19.72
C ASN B 277 21.94 -5.14 20.51
N GLU B 278 21.05 -4.17 20.72
CA GLU B 278 19.84 -4.40 21.52
C GLU B 278 18.58 -4.67 20.74
N GLY B 279 18.65 -4.61 19.39
CA GLY B 279 17.44 -4.76 18.57
C GLY B 279 16.50 -3.57 18.61
N ARG B 280 17.02 -2.35 18.92
CA ARG B 280 16.22 -1.15 19.01
C ARG B 280 16.03 -0.40 17.70
N VAL B 281 16.72 -0.81 16.66
CA VAL B 281 16.66 -0.03 15.41
C VAL B 281 15.79 -0.77 14.38
N ILE B 282 14.88 -0.05 13.70
CA ILE B 282 14.16 -0.68 12.54
C ILE B 282 14.83 -0.01 11.36
N TYR B 283 15.45 -0.80 10.47
CA TYR B 283 16.16 -0.25 9.28
C TYR B 283 15.23 -0.35 8.04
N LEU B 284 15.12 0.76 7.32
CA LEU B 284 14.24 0.85 6.09
C LEU B 284 15.13 1.00 4.89
N GLY B 285 15.04 0.03 3.99
CA GLY B 285 15.66 0.21 2.68
C GLY B 285 14.66 0.29 1.56
N THR B 286 15.08 0.79 0.40
CA THR B 286 14.15 0.82 -0.70
C THR B 286 14.89 0.63 -2.01
N PHE B 287 14.19 0.07 -3.00
CA PHE B 287 14.78 -0.03 -4.36
C PHE B 287 14.57 1.26 -5.20
N SER B 288 13.92 2.24 -4.63
CA SER B 288 13.55 3.43 -5.42
C SER B 288 14.73 4.08 -6.12
N LYS B 289 15.89 4.27 -5.43
CA LYS B 289 17.01 5.03 -6.06
C LYS B 289 18.16 4.10 -6.53
N ILE B 290 18.11 2.83 -6.19
CA ILE B 290 19.13 1.89 -6.60
C ILE B 290 18.67 0.93 -7.69
N LEU B 291 17.37 0.91 -8.01
CA LEU B 291 16.85 0.13 -9.16
C LEU B 291 15.97 1.05 -10.00
N ALA B 292 14.75 1.34 -9.50
CA ALA B 292 13.83 2.25 -10.16
C ALA B 292 12.63 2.34 -9.17
N PRO B 293 11.99 3.48 -9.05
CA PRO B 293 10.88 3.54 -8.05
C PRO B 293 9.65 2.86 -8.58
N GLY B 294 9.57 2.58 -9.91
CA GLY B 294 8.28 2.07 -10.48
C GLY B 294 7.84 0.70 -10.01
N PHE B 295 8.75 -0.03 -9.38
CA PHE B 295 8.36 -1.34 -8.84
C PHE B 295 7.75 -1.25 -7.45
N ARG B 296 7.98 -0.12 -6.75
CA ARG B 296 7.47 0.13 -5.40
C ARG B 296 7.76 -1.01 -4.42
N ILE B 297 9.07 -1.33 -4.33
CA ILE B 297 9.50 -2.37 -3.40
C ILE B 297 10.44 -1.77 -2.37
N GLY B 298 10.18 -2.02 -1.08
CA GLY B 298 11.22 -1.66 -0.04
C GLY B 298 11.28 -2.83 0.94
N TRP B 299 12.07 -2.66 2.01
CA TRP B 299 12.17 -3.73 3.05
C TRP B 299 12.31 -3.04 4.42
N MET B 300 11.98 -3.78 5.46
CA MET B 300 12.06 -3.23 6.86
C MET B 300 12.69 -4.34 7.65
N VAL B 301 13.79 -4.02 8.40
CA VAL B 301 14.55 -5.05 9.10
C VAL B 301 14.61 -4.69 10.55
N GLY B 302 14.27 -5.64 11.45
CA GLY B 302 14.36 -5.34 12.85
C GLY B 302 13.96 -6.51 13.70
N ASP B 303 13.67 -6.22 14.95
CA ASP B 303 13.38 -7.25 15.94
C ASP B 303 12.18 -8.10 15.48
N PRO B 304 12.25 -9.42 15.64
CA PRO B 304 11.17 -10.27 15.10
C PRO B 304 9.85 -10.01 15.74
N GLY B 305 9.82 -9.59 17.01
CA GLY B 305 8.55 -9.22 17.61
C GLY B 305 7.86 -8.02 16.98
N ILE B 306 8.66 -7.04 16.64
CA ILE B 306 8.16 -5.86 15.96
C ILE B 306 7.72 -6.23 14.55
N ILE B 307 8.57 -6.99 13.85
CA ILE B 307 8.23 -7.39 12.47
C ILE B 307 6.94 -8.18 12.41
N ARG B 308 6.74 -9.10 13.36
CA ARG B 308 5.48 -9.81 13.37
C ARG B 308 4.26 -8.92 13.46
N LYS B 309 4.29 -7.89 14.32
CA LYS B 309 3.18 -6.96 14.42
C LYS B 309 3.04 -6.18 13.11
N MET B 310 4.16 -5.81 12.49
CA MET B 310 4.08 -5.08 11.23
C MET B 310 3.38 -5.89 10.13
N GLU B 311 3.64 -7.17 10.10
CA GLU B 311 3.08 -8.06 9.13
C GLU B 311 1.58 -8.14 9.30
N ILE B 312 1.09 -8.27 10.53
CA ILE B 312 -0.36 -8.30 10.74
C ILE B 312 -1.03 -6.97 10.29
N ALA B 313 -0.34 -5.86 10.60
CA ALA B 313 -0.89 -4.52 10.26
C ALA B 313 -0.97 -4.38 8.74
N LYS B 314 0.08 -4.84 8.09
CA LYS B 314 0.18 -4.70 6.61
C LYS B 314 -0.87 -5.53 5.91
N GLN B 315 -1.16 -6.68 6.46
CA GLN B 315 -2.13 -7.61 5.81
C GLN B 315 -3.46 -6.91 5.45
N SER B 316 -3.95 -6.05 6.34
CA SER B 316 -5.22 -5.42 6.09
C SER B 316 -5.09 -4.11 5.33
N THR B 317 -3.88 -3.57 5.25
CA THR B 317 -3.69 -2.29 4.50
C THR B 317 -3.52 -2.57 2.96
N ASP B 318 -2.85 -3.68 2.55
CA ASP B 318 -2.65 -4.00 1.12
C ASP B 318 -2.49 -5.45 0.68
N LEU B 319 -2.66 -6.35 1.65
CA LEU B 319 -2.56 -7.79 1.48
C LEU B 319 -1.12 -8.25 1.29
N CYS B 320 -0.53 -7.88 0.16
CA CYS B 320 0.93 -8.14 -0.06
C CYS B 320 1.47 -7.07 -1.01
N THR B 321 2.78 -6.90 -0.97
CA THR B 321 3.46 -6.03 -1.90
C THR B 321 3.52 -6.76 -3.26
N ASN B 322 3.41 -5.99 -4.32
CA ASN B 322 3.33 -6.71 -5.60
C ASN B 322 4.44 -7.66 -5.91
N VAL B 323 4.01 -8.86 -6.22
CA VAL B 323 4.98 -9.95 -6.14
C VAL B 323 5.82 -9.89 -7.40
N PHE B 324 5.26 -9.33 -8.48
CA PHE B 324 6.02 -9.32 -9.74
C PHE B 324 7.24 -8.45 -9.56
N GLY B 325 7.07 -7.29 -8.94
CA GLY B 325 8.23 -6.40 -8.61
C GLY B 325 9.16 -7.06 -7.60
N GLN B 326 8.63 -7.85 -6.69
CA GLN B 326 9.49 -8.53 -5.73
C GLN B 326 10.42 -9.55 -6.42
N VAL B 327 9.88 -10.19 -7.46
CA VAL B 327 10.70 -11.23 -8.14
C VAL B 327 11.76 -10.51 -8.97
N VAL B 328 11.39 -9.39 -9.64
CA VAL B 328 12.37 -8.56 -10.33
C VAL B 328 13.50 -8.16 -9.38
N ALA B 329 13.17 -7.65 -8.19
CA ALA B 329 14.16 -7.20 -7.26
C ALA B 329 15.03 -8.35 -6.72
N TRP B 330 14.41 -9.51 -6.59
CA TRP B 330 15.14 -10.67 -6.15
C TRP B 330 16.22 -10.98 -7.21
N ARG B 331 15.81 -11.11 -8.48
CA ARG B 331 16.85 -11.42 -9.55
C ARG B 331 17.88 -10.31 -9.58
N TYR B 332 17.48 -9.06 -9.40
CA TYR B 332 18.42 -7.92 -9.45
C TYR B 332 19.50 -8.02 -8.40
N VAL B 333 19.14 -8.32 -7.16
CA VAL B 333 20.12 -8.52 -6.13
C VAL B 333 20.86 -9.89 -6.25
N ASP B 334 20.11 -10.98 -6.35
CA ASP B 334 20.73 -12.32 -6.27
C ASP B 334 21.61 -12.56 -7.47
N GLY B 335 21.26 -11.95 -8.59
CA GLY B 335 22.04 -12.16 -9.86
C GLY B 335 23.31 -11.33 -9.97
N GLY B 336 23.55 -10.51 -8.94
CA GLY B 336 24.73 -9.66 -8.80
C GLY B 336 24.63 -8.39 -9.58
N TYR B 337 23.42 -8.06 -10.12
CA TYR B 337 23.26 -6.85 -10.95
C TYR B 337 23.25 -5.58 -10.12
N LEU B 338 22.74 -5.67 -8.91
CA LEU B 338 22.74 -4.48 -8.01
C LEU B 338 24.19 -4.06 -7.77
N GLU B 339 24.97 -5.05 -7.39
CA GLU B 339 26.39 -4.77 -7.10
C GLU B 339 27.14 -4.15 -8.30
N LYS B 340 26.89 -4.65 -9.49
CA LYS B 340 27.54 -4.16 -10.70
C LYS B 340 27.01 -2.79 -11.10
N HIS B 341 25.73 -2.53 -10.78
CA HIS B 341 25.13 -1.27 -11.28
C HIS B 341 25.41 -0.02 -10.40
N ILE B 342 25.59 -0.26 -9.11
CA ILE B 342 25.79 0.81 -8.13
C ILE B 342 26.91 1.76 -8.58
N PRO B 343 28.10 1.21 -9.03
CA PRO B 343 29.12 2.21 -9.57
C PRO B 343 28.66 3.06 -10.73
N GLU B 344 27.74 2.58 -11.55
CA GLU B 344 27.27 3.40 -12.71
C GLU B 344 26.34 4.49 -12.23
N ILE B 345 25.51 4.21 -11.21
CA ILE B 345 24.73 5.31 -10.61
C ILE B 345 25.67 6.37 -10.00
N ARG B 346 26.67 5.96 -9.25
CA ARG B 346 27.60 6.92 -8.63
C ARG B 346 28.29 7.74 -9.68
N LYS B 347 28.77 7.08 -10.77
CA LYS B 347 29.46 7.83 -11.85
C LYS B 347 28.56 8.86 -12.50
N PHE B 348 27.25 8.57 -12.60
CA PHE B 348 26.33 9.44 -13.16
C PHE B 348 25.99 10.74 -12.36
N TYR B 349 25.69 10.56 -11.09
CA TYR B 349 25.30 11.69 -10.28
C TYR B 349 26.45 12.49 -9.73
N LYS B 350 27.63 11.92 -9.52
CA LYS B 350 28.76 12.69 -8.98
C LYS B 350 29.02 14.00 -9.72
N PRO B 351 29.16 13.96 -11.08
CA PRO B 351 29.45 15.29 -11.70
C PRO B 351 28.33 16.28 -11.60
N ARG B 352 27.12 15.78 -11.36
CA ARG B 352 25.97 16.73 -11.26
C ARG B 352 26.01 17.37 -9.88
N ARG B 353 26.36 16.58 -8.85
CA ARG B 353 26.59 17.19 -7.51
C ARG B 353 27.68 18.20 -7.62
N ASP B 354 28.74 17.79 -8.31
CA ASP B 354 29.93 18.68 -8.39
C ASP B 354 29.61 19.97 -9.14
N ALA B 355 28.90 19.90 -10.28
CA ALA B 355 28.49 21.11 -11.00
C ALA B 355 27.68 22.05 -10.13
N MET B 356 26.71 21.48 -9.41
CA MET B 356 25.90 22.30 -8.51
C MET B 356 26.80 23.01 -7.46
N LEU B 357 27.71 22.29 -6.82
CA LEU B 357 28.57 22.84 -5.73
C LEU B 357 29.53 23.88 -6.29
N GLU B 358 30.02 23.62 -7.52
CA GLU B 358 30.85 24.68 -8.19
C GLU B 358 30.05 25.93 -8.52
N ALA B 359 28.79 25.77 -8.96
CA ALA B 359 27.97 26.93 -9.38
C ALA B 359 27.64 27.78 -8.11
N LEU B 360 27.33 27.06 -7.01
CA LEU B 360 26.92 27.80 -5.82
C LEU B 360 28.13 28.61 -5.41
N GLU B 361 29.31 28.04 -5.42
CA GLU B 361 30.53 28.78 -4.98
C GLU B 361 30.80 30.00 -5.86
N GLU B 362 30.63 29.85 -7.15
CA GLU B 362 30.93 30.97 -8.03
C GLU B 362 29.86 32.03 -7.99
N PHE B 363 28.58 31.66 -7.84
CA PHE B 363 27.50 32.63 -8.10
C PHE B 363 26.84 33.20 -6.86
N MET B 364 26.85 32.45 -5.74
CA MET B 364 26.05 32.88 -4.58
C MET B 364 26.66 34.09 -3.87
N PRO B 365 25.80 35.01 -3.48
CA PRO B 365 26.37 36.14 -2.78
C PRO B 365 26.75 35.85 -1.34
N GLU B 366 27.48 36.80 -0.77
CA GLU B 366 27.88 36.69 0.59
C GLU B 366 26.69 36.41 1.51
N GLY B 367 26.93 35.51 2.46
CA GLY B 367 26.05 35.21 3.56
C GLY B 367 25.16 34.01 3.23
N VAL B 368 25.26 33.50 2.02
CA VAL B 368 24.48 32.29 1.67
C VAL B 368 25.34 31.07 2.03
N LYS B 369 24.76 29.97 2.61
CA LYS B 369 25.55 28.84 3.01
C LYS B 369 24.84 27.61 2.45
N TRP B 370 25.59 26.56 2.23
CA TRP B 370 24.95 25.33 1.76
C TRP B 370 25.67 24.14 2.23
N THR B 371 24.94 23.04 2.29
CA THR B 371 25.61 21.83 2.66
C THR B 371 26.47 21.25 1.50
N LYS B 372 27.35 20.35 1.88
CA LYS B 372 28.33 19.71 0.96
C LYS B 372 28.18 18.20 1.14
N PRO B 373 27.17 17.61 0.44
CA PRO B 373 26.84 16.21 0.65
C PRO B 373 27.92 15.28 0.07
N GLU B 374 28.12 14.15 0.67
CA GLU B 374 29.05 13.15 0.10
C GLU B 374 28.32 12.17 -0.80
N GLY B 375 26.96 12.39 -0.95
CA GLY B 375 26.18 11.41 -1.70
C GLY B 375 24.75 11.91 -1.80
N GLY B 376 23.88 11.04 -2.35
CA GLY B 376 22.43 11.32 -2.32
C GLY B 376 22.02 12.26 -3.42
N MET B 377 21.00 13.08 -3.18
CA MET B 377 20.35 13.75 -4.31
C MET B 377 20.18 15.20 -4.09
N PHE B 378 20.52 15.73 -2.90
CA PHE B 378 20.12 17.06 -2.52
C PHE B 378 21.27 17.90 -1.92
N ILE B 379 21.14 19.21 -2.11
CA ILE B 379 21.95 20.20 -1.40
C ILE B 379 20.98 21.18 -0.76
N TRP B 380 21.32 21.57 0.46
CA TRP B 380 20.40 22.37 1.28
C TRP B 380 21.04 23.70 1.54
N VAL B 381 20.27 24.71 1.27
CA VAL B 381 20.81 26.12 1.23
C VAL B 381 20.16 26.95 2.34
N THR B 382 20.97 27.80 3.01
CA THR B 382 20.46 28.69 4.06
C THR B 382 20.72 30.14 3.62
N LEU B 383 19.69 30.96 3.65
CA LEU B 383 19.73 32.34 3.21
C LEU B 383 20.01 33.27 4.36
N PRO B 384 20.80 34.31 4.09
CA PRO B 384 21.17 35.13 5.22
C PRO B 384 19.82 35.65 5.59
N ASP B 385 19.49 35.23 6.83
CA ASP B 385 18.18 35.20 7.41
C ASP B 385 17.44 36.56 7.34
N GLY B 386 16.18 36.49 7.65
CA GLY B 386 15.39 37.54 7.18
C GLY B 386 14.72 36.98 5.95
N ILE B 387 15.47 36.51 4.93
CA ILE B 387 14.76 36.12 3.72
C ILE B 387 13.87 34.92 4.00
N ASP B 388 12.62 35.01 3.53
CA ASP B 388 11.70 33.93 3.67
C ASP B 388 11.66 33.22 2.31
N SER B 389 12.18 31.98 2.27
CA SER B 389 12.31 31.39 0.92
C SER B 389 11.00 30.96 0.33
N LYS B 390 9.95 30.87 1.18
CA LYS B 390 8.64 30.51 0.62
C LYS B 390 8.06 31.73 -0.17
N LYS B 391 8.18 32.91 0.44
CA LYS B 391 7.87 34.22 -0.17
C LYS B 391 8.69 34.39 -1.43
N MET B 392 9.98 34.10 -1.33
CA MET B 392 10.92 34.28 -2.48
C MET B 392 10.62 33.38 -3.70
N LEU B 393 9.96 32.22 -3.50
CA LEU B 393 9.72 31.28 -4.59
C LEU B 393 9.01 31.92 -5.82
N GLU B 394 8.10 32.88 -5.54
CA GLU B 394 7.39 33.64 -6.56
C GLU B 394 8.40 34.37 -7.47
N ARG B 395 9.34 35.06 -6.84
CA ARG B 395 10.39 35.81 -7.51
C ARG B 395 11.31 34.88 -8.31
N ALA B 396 11.68 33.75 -7.69
CA ALA B 396 12.57 32.78 -8.36
C ALA B 396 11.86 32.24 -9.60
N ILE B 397 10.59 31.90 -9.49
CA ILE B 397 9.85 31.31 -10.63
C ILE B 397 9.80 32.34 -11.79
N LYS B 398 9.48 33.58 -11.46
CA LYS B 398 9.57 34.70 -12.43
C LYS B 398 10.94 34.82 -13.09
N LYS B 399 12.01 34.43 -12.40
CA LYS B 399 13.39 34.48 -13.03
C LYS B 399 13.80 33.11 -13.66
N GLY B 400 12.85 32.16 -13.70
CA GLY B 400 13.06 30.93 -14.43
C GLY B 400 13.67 29.78 -13.60
N VAL B 401 13.48 29.81 -12.26
CA VAL B 401 14.02 28.69 -11.46
C VAL B 401 13.12 28.37 -10.30
N ALA B 402 13.13 27.10 -9.88
CA ALA B 402 12.29 26.66 -8.76
C ALA B 402 13.16 25.78 -7.79
N TYR B 403 12.73 25.71 -6.52
CA TYR B 403 13.40 24.87 -5.52
C TYR B 403 12.24 24.54 -4.56
N VAL B 404 12.49 23.67 -3.58
CA VAL B 404 11.44 23.50 -2.54
C VAL B 404 11.79 24.39 -1.31
N PRO B 405 10.85 25.30 -0.88
CA PRO B 405 11.07 26.08 0.32
C PRO B 405 11.18 25.09 1.50
N GLY B 406 12.14 25.37 2.38
CA GLY B 406 12.54 24.45 3.45
C GLY B 406 11.47 24.31 4.53
N GLU B 407 10.54 25.27 4.60
CA GLU B 407 9.62 25.31 5.80
C GLU B 407 8.84 24.00 6.02
N ALA B 408 8.46 23.32 4.91
CA ALA B 408 7.61 22.09 4.96
C ALA B 408 8.37 20.95 5.58
N PHE B 409 9.68 21.06 5.53
CA PHE B 409 10.51 20.00 6.07
C PHE B 409 10.66 20.09 7.60
N TYR B 410 10.05 21.07 8.25
CA TYR B 410 10.26 21.17 9.73
C TYR B 410 8.92 20.78 10.39
N ALA B 411 8.92 19.91 11.40
CA ALA B 411 7.70 19.44 12.03
C ALA B 411 6.91 20.66 12.53
N HIS B 412 7.63 21.65 13.03
CA HIS B 412 7.03 22.90 13.60
C HIS B 412 7.01 24.07 12.62
N ARG B 413 7.31 23.75 11.35
CA ARG B 413 7.29 24.76 10.30
C ARG B 413 7.85 26.10 10.83
N ASP B 414 8.91 26.07 11.58
CA ASP B 414 9.39 27.29 12.22
C ASP B 414 10.70 27.94 11.70
N VAL B 415 11.25 27.38 10.61
CA VAL B 415 12.47 27.93 10.00
C VAL B 415 12.10 28.29 8.59
N LYS B 416 12.44 29.51 8.20
CA LYS B 416 11.85 30.06 7.01
C LYS B 416 12.90 30.43 5.91
N ASN B 417 14.18 30.32 6.21
CA ASN B 417 15.28 30.79 5.34
C ASN B 417 16.10 29.66 4.63
N THR B 418 15.50 28.47 4.53
CA THR B 418 16.17 27.32 3.89
C THR B 418 15.53 26.88 2.58
N MET B 419 16.33 26.19 1.75
CA MET B 419 15.76 25.63 0.50
C MET B 419 16.40 24.28 0.20
N ARG B 420 15.60 23.36 -0.33
CA ARG B 420 16.16 22.10 -0.82
C ARG B 420 16.35 22.23 -2.37
N LEU B 421 17.58 21.94 -2.81
CA LEU B 421 17.91 21.87 -4.27
C LEU B 421 18.19 20.42 -4.62
N ASN B 422 17.83 20.04 -5.81
CA ASN B 422 18.13 18.68 -6.29
C ASN B 422 19.03 18.77 -7.53
N PHE B 423 19.98 17.85 -7.62
CA PHE B 423 20.89 17.77 -8.74
C PHE B 423 20.78 16.50 -9.60
N THR B 424 19.89 15.59 -9.25
CA THR B 424 19.78 14.34 -9.97
C THR B 424 19.07 14.43 -11.31
N TYR B 425 17.99 15.19 -11.36
CA TYR B 425 17.12 15.17 -12.53
C TYR B 425 16.92 16.59 -12.99
N VAL B 426 18.05 17.26 -13.12
CA VAL B 426 18.28 18.31 -14.09
C VAL B 426 19.74 18.05 -14.55
N ASP B 427 20.17 18.68 -15.65
CA ASP B 427 21.43 18.38 -16.32
C ASP B 427 22.47 19.51 -16.24
N GLU B 428 23.75 19.15 -16.28
CA GLU B 428 24.79 20.04 -15.82
C GLU B 428 24.71 21.45 -16.41
N ASP B 429 24.37 21.54 -17.70
CA ASP B 429 24.19 22.86 -18.35
C ASP B 429 23.05 23.64 -17.61
N LYS B 430 21.95 22.90 -17.31
CA LYS B 430 20.85 23.51 -16.66
C LYS B 430 21.11 23.71 -15.15
N ILE B 431 21.97 22.90 -14.53
CA ILE B 431 22.32 23.12 -13.12
C ILE B 431 23.05 24.49 -13.02
N MET B 432 24.04 24.70 -13.92
CA MET B 432 24.80 25.99 -13.80
C MET B 432 23.82 27.14 -14.04
N GLU B 433 22.96 27.03 -15.05
CA GLU B 433 22.11 28.13 -15.33
C GLU B 433 21.07 28.36 -14.21
N GLY B 434 20.56 27.25 -13.70
CA GLY B 434 19.55 27.36 -12.62
C GLY B 434 20.14 27.94 -11.36
N ILE B 435 21.38 27.62 -11.00
CA ILE B 435 22.00 28.17 -9.81
C ILE B 435 22.27 29.66 -10.01
N LYS B 436 22.73 30.01 -11.21
CA LYS B 436 22.87 31.45 -11.51
C LYS B 436 21.56 32.20 -11.36
N ARG B 437 20.47 31.65 -11.87
CA ARG B 437 19.19 32.35 -11.79
C ARG B 437 18.78 32.47 -10.31
N LEU B 438 19.00 31.39 -9.56
CA LEU B 438 18.68 31.43 -8.11
C LEU B 438 19.57 32.46 -7.38
N ALA B 439 20.86 32.52 -7.74
CA ALA B 439 21.77 33.45 -7.12
C ALA B 439 21.25 34.88 -7.38
N GLU B 440 20.85 35.16 -8.63
CA GLU B 440 20.40 36.54 -8.97
C GLU B 440 19.08 36.83 -8.26
N THR B 441 18.27 35.77 -8.04
CA THR B 441 16.98 35.95 -7.35
C THR B 441 17.30 36.41 -5.88
N ILE B 442 18.26 35.79 -5.22
CA ILE B 442 18.64 36.10 -3.85
C ILE B 442 19.27 37.50 -3.77
N LYS B 443 20.08 37.84 -4.78
CA LYS B 443 20.62 39.23 -4.82
C LYS B 443 19.50 40.26 -4.88
N GLU B 444 18.51 40.02 -5.73
CA GLU B 444 17.34 40.89 -5.88
C GLU B 444 16.48 40.95 -4.63
N GLU B 445 16.28 39.79 -4.02
CA GLU B 445 15.57 39.71 -2.76
C GLU B 445 16.29 40.50 -1.63
N LEU B 446 17.62 40.45 -1.56
CA LEU B 446 18.36 41.18 -0.53
C LEU B 446 18.22 42.72 -0.65
N LYS B 447 17.71 43.22 -1.77
CA LYS B 447 17.45 44.67 -1.88
C LYS B 447 16.05 44.96 -1.38
N ALA B 448 16.01 45.46 -0.14
CA ALA B 448 14.83 45.52 0.72
C ALA B 448 13.49 45.58 -0.04
N1 PLP C . -12.71 -8.02 -2.61
C2 PLP C . -13.27 -9.24 -2.55
C2A PLP C . -14.69 -9.26 -2.02
C3 PLP C . -12.56 -10.35 -3.09
O3 PLP C . -13.17 -11.54 -3.06
C4 PLP C . -11.28 -10.20 -3.66
C4A PLP C . -10.72 -11.27 -4.57
C5 PLP C . -10.72 -8.91 -3.68
C6 PLP C . -11.43 -7.87 -3.12
C5A PLP C . -9.36 -8.71 -4.22
O4P PLP C . -8.69 -7.68 -3.55
P PLP C . -7.26 -7.19 -4.18
O1P PLP C . -6.48 -8.40 -4.68
O2P PLP C . -6.63 -6.39 -3.07
O3P PLP C . -7.58 -6.35 -5.38
C1 AKG D . -12.97 -6.06 -11.68
O1 AKG D . -12.87 -5.71 -10.53
O2 AKG D . -12.22 -6.91 -12.17
C2 AKG D . -14.02 -5.50 -12.51
O5 AKG D . -13.95 -4.39 -13.03
C3 AKG D . -15.25 -6.32 -12.65
C4 AKG D . -14.94 -7.62 -11.97
C5 AKG D . -14.43 -8.54 -13.04
O3 AKG D . -14.33 -9.72 -12.80
O4 AKG D . -14.13 -8.00 -14.11
C1 AKG E . -9.15 -14.06 -2.10
O1 AKG E . -10.18 -14.07 -2.73
O2 AKG E . -8.94 -15.05 -1.40
C2 AKG E . -8.15 -13.01 -2.00
O5 AKG E . -8.43 -11.84 -2.10
C3 AKG E . -6.77 -13.44 -1.65
C4 AKG E . -6.67 -13.65 -0.13
C5 AKG E . -5.76 -14.88 -0.02
O3 AKG E . -6.40 -16.01 0.17
O4 AKG E . -4.46 -14.65 -0.10
N1 PLP F . 12.64 8.04 2.69
C2 PLP F . 13.36 9.13 2.36
C2A PLP F . 14.00 9.92 3.49
C3 PLP F . 13.56 9.43 0.96
O3 PLP F . 14.28 10.51 0.70
C4 PLP F . 13.07 8.61 -0.06
C4A PLP F . 13.59 8.70 -1.46
C5 PLP F . 12.32 7.50 0.33
C6 PLP F . 12.11 7.26 1.70
C5A PLP F . 11.67 6.60 -0.69
O4P PLP F . 10.46 6.07 -0.28
P PLP F . 9.81 4.88 -1.17
O1P PLP F . 9.95 5.28 -2.64
O2P PLP F . 8.40 4.82 -0.68
O3P PLP F . 10.58 3.62 -0.94
C1 AKG G . 18.47 1.16 0.27
O1 AKG G . 18.54 1.34 -0.94
O2 AKG G . 17.53 1.55 0.90
C2 AKG G . 19.57 0.50 0.96
O5 AKG G . 19.49 -0.61 1.45
C3 AKG G . 20.83 1.27 1.11
C4 AKG G . 20.61 2.65 0.58
C5 AKG G . 20.95 2.60 -0.87
O3 AKG G . 21.26 3.62 -1.46
O4 AKG G . 20.89 1.48 -1.37
C1 AKG H . 11.47 11.93 -3.26
O1 AKG H . 11.22 13.02 -3.75
O2 AKG H . 12.61 11.79 -2.88
C2 AKG H . 10.43 10.92 -3.23
O5 AKG H . 10.64 9.95 -2.54
C3 AKG H . 9.14 11.12 -3.99
C4 AKG H . 8.45 12.43 -3.75
C5 AKG H . 8.60 13.36 -4.97
O3 AKG H . 7.82 13.24 -5.96
O4 AKG H . 9.49 14.25 -5.03
#